data_4G65
#
_entry.id   4G65
#
_cell.length_a   68.112
_cell.length_b   225.256
_cell.length_c   139.516
_cell.angle_alpha   90.00
_cell.angle_beta   90.00
_cell.angle_gamma   90.00
#
_symmetry.space_group_name_H-M   'C 2 2 21'
#
loop_
_entity.id
_entity.type
_entity.pdbx_description
1 polymer 'Trk system potassium uptake protein trkA'
2 non-polymer 'TETRAETHYLENE GLYCOL'
3 non-polymer 'SULFATE ION'
4 non-polymer 'CHLORIDE ION'
5 water water
#
_entity_poly.entity_id   1
_entity_poly.type   'polypeptide(L)'
_entity_poly.pdbx_seq_one_letter_code
;SNA(MSE)KIIILGAGQVGGTLAENLVGENNDITIVDKDGDRLRELQDKYDLRVVNGHASHPDVLHEAGAQDAD(MSE)L
VAVTNTDETN(MSE)AACQVAFTLFNTPNRIARIRSPQYLAQKEALFKSGAIPVDHLIAPEELVTSYIERLIQYPGALQV
VSFAEEKVSLVAVKAYYGGPLVGNALSALREH(MSE)PHIDTRVAAIFRQGRPIRPQGTTIIEADDEVFFVAASNHIRSV
(MSE)SELQRLEKPYRRI(MSE)IVGGGNIGASLAKRLEQTYSVKLIERNLQRAEKLSEELENTIVFCGDAADQELLTEE
NIDQVDVFIALTNEDETNI(MSE)SA(MSE)LAKR(MSE)GAKKV(MSE)VLIQRGAYVDLVQGGVIDVAISPQQATISA
LLTHVRRADIVNVSSLRRGAAEAIEAVAHGDESNSKVVGRAVGDIKLPPGTTIGAIVRGEEVLIAHDRTVIEQDDHVV
(MSE)FLVDKKYVPDVEALFQPSPFFL
;
_entity_poly.pdbx_strand_id   A,B
#
# COMPACT_ATOMS: atom_id res chain seq x y z
N ASN A 2 -19.37 -3.29 -29.30
CA ASN A 2 -18.59 -3.87 -28.14
C ASN A 2 -18.27 -2.84 -27.06
N ALA A 3 -18.71 -3.12 -25.84
CA ALA A 3 -18.61 -2.21 -24.70
C ALA A 3 -17.17 -2.00 -24.28
N LYS A 5 -14.71 -1.73 -21.37
CA LYS A 5 -14.67 -2.31 -20.02
C LYS A 5 -13.67 -1.51 -19.14
N ILE A 6 -14.19 -0.83 -18.11
CA ILE A 6 -13.42 0.04 -17.22
C ILE A 6 -13.48 -0.48 -15.77
N ILE A 7 -12.32 -0.70 -15.16
CA ILE A 7 -12.21 -1.06 -13.76
C ILE A 7 -11.79 0.17 -12.99
N ILE A 8 -12.61 0.56 -12.02
CA ILE A 8 -12.28 1.63 -11.13
C ILE A 8 -11.92 0.97 -9.79
N LEU A 9 -10.70 1.19 -9.32
CA LEU A 9 -10.26 0.72 -8.02
C LEU A 9 -10.38 1.81 -6.99
N GLY A 10 -11.36 1.65 -6.13
CA GLY A 10 -11.67 2.66 -5.10
C GLY A 10 -13.06 3.26 -5.23
N ALA A 11 -13.91 3.07 -4.22
CA ALA A 11 -15.26 3.64 -4.24
C ALA A 11 -15.34 4.94 -3.42
N GLY A 12 -14.24 5.66 -3.37
CA GLY A 12 -14.22 6.95 -2.69
C GLY A 12 -14.92 7.97 -3.51
N GLN A 13 -14.63 9.24 -3.27
CA GLN A 13 -15.41 10.29 -3.92
C GLN A 13 -15.08 10.36 -5.41
N VAL A 14 -13.80 10.21 -5.74
CA VAL A 14 -13.41 10.26 -7.14
C VAL A 14 -13.96 9.05 -7.94
N GLY A 15 -13.82 7.84 -7.38
CA GLY A 15 -14.28 6.64 -8.05
C GLY A 15 -15.76 6.66 -8.34
N GLY A 16 -16.53 7.11 -7.36
CA GLY A 16 -18.02 7.26 -7.49
C GLY A 16 -18.45 8.31 -8.51
N THR A 17 -17.78 9.46 -8.47
CA THR A 17 -17.99 10.49 -9.47
C THR A 17 -17.63 10.06 -10.88
N LEU A 18 -16.48 9.38 -11.02
CA LEU A 18 -16.02 8.93 -12.33
C LEU A 18 -17.06 7.99 -12.87
N ALA A 19 -17.59 7.15 -11.99
CA ALA A 19 -18.63 6.23 -12.38
C ALA A 19 -19.83 6.96 -13.01
N GLU A 20 -20.15 8.12 -12.45
CA GLU A 20 -21.22 8.94 -12.97
C GLU A 20 -20.88 9.58 -14.33
N ASN A 21 -19.66 10.08 -14.50
CA ASN A 21 -19.23 10.72 -15.76
C ASN A 21 -19.23 9.70 -16.90
N LEU A 22 -19.15 8.42 -16.54
CA LEU A 22 -18.97 7.32 -17.45
C LEU A 22 -20.23 6.45 -17.66
N VAL A 23 -21.39 6.84 -17.14
CA VAL A 23 -22.58 6.04 -17.42
C VAL A 23 -22.97 6.15 -18.90
N GLY A 24 -23.40 5.03 -19.44
CA GLY A 24 -23.69 4.95 -20.86
C GLY A 24 -23.87 3.50 -21.25
N GLU A 25 -24.59 3.29 -22.34
CA GLU A 25 -24.85 1.96 -22.82
C GLU A 25 -23.59 1.23 -23.19
N ASN A 26 -22.64 1.98 -23.73
CA ASN A 26 -21.39 1.45 -24.25
C ASN A 26 -20.25 1.27 -23.23
N ASN A 27 -20.51 1.54 -21.95
CA ASN A 27 -19.49 1.48 -20.87
C ASN A 27 -19.93 0.45 -19.85
N ASP A 28 -19.09 -0.54 -19.61
CA ASP A 28 -19.38 -1.55 -18.61
C ASP A 28 -18.37 -1.30 -17.50
N ILE A 29 -18.89 -0.87 -16.36
CA ILE A 29 -18.08 -0.33 -15.28
C ILE A 29 -18.02 -1.37 -14.17
N THR A 30 -16.83 -1.64 -13.67
CA THR A 30 -16.71 -2.46 -12.49
C THR A 30 -15.98 -1.71 -11.40
N ILE A 31 -16.54 -1.64 -10.19
CA ILE A 31 -15.90 -0.91 -9.06
C ILE A 31 -15.47 -1.86 -7.98
N VAL A 32 -14.27 -1.62 -7.46
CA VAL A 32 -13.66 -2.49 -6.46
C VAL A 32 -13.37 -1.68 -5.20
N ASP A 33 -13.76 -2.24 -4.05
CA ASP A 33 -13.58 -1.58 -2.77
C ASP A 33 -13.89 -2.59 -1.68
N LYS A 34 -13.42 -2.30 -0.47
CA LYS A 34 -13.65 -3.21 0.65
C LYS A 34 -14.93 -2.82 1.41
N ASP A 35 -15.51 -1.69 1.07
CA ASP A 35 -16.68 -1.19 1.78
C ASP A 35 -17.98 -1.57 1.06
N GLY A 36 -18.53 -2.73 1.44
CA GLY A 36 -19.81 -3.26 0.91
C GLY A 36 -20.98 -2.28 0.83
N ASP A 37 -21.09 -1.39 1.79
CA ASP A 37 -22.22 -0.47 1.82
C ASP A 37 -22.12 0.60 0.78
N ARG A 38 -20.91 1.11 0.59
CA ARG A 38 -20.64 2.04 -0.47
C ARG A 38 -20.80 1.37 -1.85
N LEU A 39 -20.35 0.14 -1.98
CA LEU A 39 -20.56 -0.60 -3.22
C LEU A 39 -22.08 -0.77 -3.49
N ARG A 40 -22.88 -1.11 -2.46
CA ARG A 40 -24.35 -1.25 -2.64
C ARG A 40 -24.99 0.08 -3.00
N GLU A 41 -24.54 1.15 -2.32
CA GLU A 41 -24.97 2.52 -2.61
C GLU A 41 -24.83 2.81 -4.11
N LEU A 42 -23.62 2.65 -4.62
CA LEU A 42 -23.31 2.91 -6.01
C LEU A 42 -24.06 2.01 -6.97
N GLN A 43 -24.16 0.73 -6.65
CA GLN A 43 -24.89 -0.23 -7.47
C GLN A 43 -26.40 0.08 -7.52
N ASP A 44 -26.96 0.62 -6.43
CA ASP A 44 -28.35 1.07 -6.44
C ASP A 44 -28.53 2.28 -7.38
N LYS A 45 -27.53 3.13 -7.43
CA LYS A 45 -27.64 4.41 -8.10
C LYS A 45 -27.34 4.32 -9.60
N TYR A 46 -26.42 3.44 -9.98
CA TYR A 46 -25.93 3.35 -11.36
C TYR A 46 -25.93 1.91 -11.83
N ASP A 47 -25.87 1.71 -13.14
CA ASP A 47 -25.87 0.36 -13.76
C ASP A 47 -24.39 -0.09 -13.83
N LEU A 48 -23.91 -0.80 -12.81
CA LEU A 48 -22.50 -1.20 -12.78
C LEU A 48 -22.29 -2.44 -11.93
N ARG A 49 -21.17 -3.11 -12.12
CA ARG A 49 -20.80 -4.31 -11.35
C ARG A 49 -19.85 -3.90 -10.23
N VAL A 50 -19.87 -4.66 -9.13
CA VAL A 50 -19.01 -4.37 -8.00
C VAL A 50 -18.29 -5.62 -7.57
N VAL A 51 -17.09 -5.44 -7.04
CA VAL A 51 -16.32 -6.49 -6.41
C VAL A 51 -15.83 -6.01 -5.04
N ASN A 52 -16.19 -6.77 -4.01
CA ASN A 52 -15.79 -6.48 -2.64
C ASN A 52 -14.47 -7.15 -2.34
N GLY A 53 -13.41 -6.37 -2.20
CA GLY A 53 -12.09 -6.94 -1.92
C GLY A 53 -11.01 -5.87 -2.05
N HIS A 54 -9.78 -6.22 -1.65
CA HIS A 54 -8.60 -5.36 -1.74
C HIS A 54 -8.10 -5.28 -3.16
N ALA A 55 -7.98 -4.04 -3.61
CA ALA A 55 -7.84 -3.70 -5.02
C ALA A 55 -6.61 -4.26 -5.72
N SER A 56 -5.52 -4.48 -5.00
CA SER A 56 -4.30 -5.06 -5.59
C SER A 56 -4.16 -6.56 -5.47
N HIS A 57 -5.13 -7.25 -4.86
CA HIS A 57 -5.08 -8.67 -4.86
C HIS A 57 -5.38 -9.33 -6.18
N PRO A 58 -4.57 -10.31 -6.57
CA PRO A 58 -4.73 -10.97 -7.85
C PRO A 58 -6.12 -11.48 -8.09
N ASP A 59 -6.66 -12.24 -7.15
CA ASP A 59 -7.99 -12.82 -7.32
C ASP A 59 -9.10 -11.79 -7.50
N VAL A 60 -8.92 -10.66 -6.83
CA VAL A 60 -9.91 -9.58 -6.87
C VAL A 60 -9.87 -8.92 -8.23
N LEU A 61 -8.66 -8.69 -8.72
CA LEU A 61 -8.46 -8.13 -10.07
C LEU A 61 -9.02 -9.08 -11.14
N HIS A 62 -8.76 -10.36 -10.99
CA HIS A 62 -9.31 -11.35 -11.90
C HIS A 62 -10.83 -11.32 -11.87
N GLU A 63 -11.43 -11.27 -10.67
CA GLU A 63 -12.90 -11.21 -10.54
C GLU A 63 -13.45 -9.91 -11.15
N ALA A 64 -12.71 -8.80 -11.08
CA ALA A 64 -13.20 -7.55 -11.71
C ALA A 64 -13.06 -7.53 -13.24
N GLY A 65 -12.40 -8.56 -13.81
CA GLY A 65 -12.23 -8.67 -15.25
C GLY A 65 -10.97 -8.03 -15.83
N ALA A 66 -9.91 -7.93 -15.03
CA ALA A 66 -8.66 -7.36 -15.50
C ALA A 66 -8.10 -7.99 -16.76
N GLN A 67 -8.38 -9.28 -17.02
CA GLN A 67 -7.84 -9.99 -18.19
C GLN A 67 -8.46 -9.43 -19.46
N ASP A 68 -9.66 -8.84 -19.33
CA ASP A 68 -10.34 -8.28 -20.48
C ASP A 68 -10.60 -6.77 -20.46
N ALA A 69 -10.16 -6.05 -19.41
CA ALA A 69 -10.51 -4.64 -19.30
C ALA A 69 -9.82 -3.78 -20.34
N ASP A 70 -10.43 -2.67 -20.71
CA ASP A 70 -9.78 -1.69 -21.59
C ASP A 70 -9.02 -0.56 -20.85
N LEU A 72 -7.77 0.64 -16.54
CA LEU A 72 -7.73 0.45 -15.08
C LEU A 72 -7.46 1.76 -14.40
N VAL A 73 -8.35 2.16 -13.53
CA VAL A 73 -8.22 3.45 -12.84
C VAL A 73 -8.02 3.21 -11.35
N ALA A 74 -6.82 3.50 -10.87
CA ALA A 74 -6.44 3.20 -9.52
C ALA A 74 -6.58 4.45 -8.65
N VAL A 75 -7.70 4.53 -7.94
CA VAL A 75 -8.00 5.63 -7.02
C VAL A 75 -8.40 5.11 -5.63
N THR A 76 -7.51 4.33 -5.01
CA THR A 76 -7.79 3.71 -3.72
C THR A 76 -7.42 4.71 -2.64
N ASN A 77 -7.41 4.24 -1.40
CA ASN A 77 -6.99 5.01 -0.26
C ASN A 77 -5.51 5.36 -0.22
N THR A 78 -4.64 4.58 -0.86
CA THR A 78 -3.19 4.83 -0.73
C THR A 78 -2.45 4.72 -2.06
N ASP A 79 -1.38 5.51 -2.17
CA ASP A 79 -0.46 5.39 -3.28
C ASP A 79 0.07 3.97 -3.44
N GLU A 80 0.37 3.30 -2.33
CA GLU A 80 1.09 2.01 -2.41
C GLU A 80 0.17 0.90 -2.97
N THR A 81 -1.13 1.01 -2.66
CA THR A 81 -2.07 0.05 -3.20
C THR A 81 -2.25 0.34 -4.70
N ASN A 82 -2.31 1.62 -5.08
CA ASN A 82 -2.46 1.97 -6.51
C ASN A 82 -1.25 1.40 -7.33
N ALA A 84 0.92 -1.10 -6.44
CA ALA A 84 0.79 -2.56 -6.45
C ALA A 84 -0.28 -3.05 -7.42
N ALA A 85 -1.43 -2.40 -7.48
CA ALA A 85 -2.50 -2.87 -8.33
C ALA A 85 -2.04 -2.75 -9.81
N CYS A 86 -1.38 -1.66 -10.15
CA CYS A 86 -0.96 -1.50 -11.55
C CYS A 86 0.07 -2.57 -11.92
N GLN A 87 1.01 -2.84 -11.03
CA GLN A 87 2.03 -3.89 -11.27
C GLN A 87 1.37 -5.24 -11.38
N VAL A 88 0.49 -5.57 -10.44
CA VAL A 88 -0.16 -6.89 -10.43
C VAL A 88 -0.97 -7.11 -11.72
N ALA A 89 -1.72 -6.09 -12.12
CA ALA A 89 -2.59 -6.19 -13.29
C ALA A 89 -1.76 -6.33 -14.56
N PHE A 90 -0.69 -5.55 -14.64
CA PHE A 90 0.26 -5.61 -15.75
C PHE A 90 0.83 -7.01 -15.89
N THR A 91 1.39 -7.56 -14.80
CA THR A 91 2.08 -8.84 -14.83
C THR A 91 1.16 -10.04 -15.08
N LEU A 92 0.03 -10.08 -14.38
CA LEU A 92 -0.79 -11.29 -14.41
C LEU A 92 -1.88 -11.22 -15.48
N PHE A 93 -2.33 -10.01 -15.82
CA PHE A 93 -3.51 -9.86 -16.66
C PHE A 93 -3.23 -9.00 -17.91
N ASN A 94 -2.02 -8.44 -18.03
CA ASN A 94 -1.66 -7.59 -19.16
C ASN A 94 -2.70 -6.50 -19.45
N THR A 95 -3.26 -5.93 -18.38
CA THR A 95 -4.33 -4.95 -18.51
C THR A 95 -3.77 -3.61 -19.09
N PRO A 96 -4.36 -3.09 -20.17
CA PRO A 96 -3.90 -1.81 -20.73
C PRO A 96 -4.40 -0.55 -20.02
N ASN A 97 -3.87 0.60 -20.41
N ASN A 97 -3.78 0.56 -20.37
CA ASN A 97 -4.31 1.90 -19.90
CA ASN A 97 -4.19 1.88 -19.93
C ASN A 97 -4.45 1.95 -18.36
C ASN A 97 -4.42 1.96 -18.41
N ARG A 98 -3.31 1.83 -17.68
CA ARG A 98 -3.23 1.79 -16.24
C ARG A 98 -2.92 3.17 -15.72
N ILE A 99 -3.91 3.75 -15.05
CA ILE A 99 -3.92 5.12 -14.62
C ILE A 99 -3.99 5.15 -13.11
N ALA A 100 -3.07 5.87 -12.48
CA ALA A 100 -3.00 5.89 -11.05
C ALA A 100 -2.94 7.29 -10.43
N ARG A 101 -3.72 7.49 -9.36
CA ARG A 101 -3.57 8.64 -8.51
C ARG A 101 -2.38 8.48 -7.60
N ILE A 102 -1.53 9.51 -7.50
CA ILE A 102 -0.34 9.50 -6.65
C ILE A 102 -0.29 10.83 -5.93
N ARG A 103 -0.46 10.83 -4.62
CA ARG A 103 -0.53 12.05 -3.84
C ARG A 103 0.81 12.49 -3.30
N SER A 104 1.76 11.56 -3.13
CA SER A 104 3.02 11.92 -2.46
C SER A 104 3.97 12.65 -3.40
N PRO A 105 4.39 13.87 -3.02
CA PRO A 105 5.41 14.56 -3.79
C PRO A 105 6.69 13.76 -3.91
N GLN A 106 6.97 12.90 -2.94
CA GLN A 106 8.23 12.14 -2.88
C GLN A 106 8.32 11.13 -4.05
N TYR A 107 7.22 10.45 -4.38
CA TYR A 107 7.22 9.64 -5.61
C TYR A 107 7.22 10.47 -6.91
N LEU A 108 6.47 11.57 -6.92
CA LEU A 108 6.36 12.44 -8.12
C LEU A 108 7.72 13.11 -8.44
N ALA A 109 8.55 13.37 -7.44
CA ALA A 109 9.90 13.91 -7.67
C ALA A 109 10.80 12.91 -8.42
N GLN A 110 10.43 11.64 -8.41
CA GLN A 110 11.19 10.65 -9.13
C GLN A 110 10.36 9.95 -10.23
N LYS A 111 9.46 10.65 -10.92
CA LYS A 111 8.54 9.96 -11.87
C LYS A 111 9.28 9.23 -12.95
N GLU A 112 10.37 9.83 -13.42
CA GLU A 112 11.07 9.32 -14.58
C GLU A 112 11.67 7.98 -14.26
N ALA A 113 12.40 7.95 -13.16
CA ALA A 113 13.03 6.73 -12.72
C ALA A 113 12.05 5.66 -12.32
N LEU A 114 10.99 6.02 -11.61
CA LEU A 114 10.09 5.00 -11.06
C LEU A 114 9.04 4.52 -12.07
N PHE A 115 8.49 5.47 -12.83
CA PHE A 115 7.29 5.14 -13.63
C PHE A 115 7.61 5.02 -15.11
N LYS A 116 8.20 6.08 -15.68
CA LYS A 116 8.46 6.13 -17.16
C LYS A 116 9.47 5.10 -17.61
N SER A 117 10.34 4.67 -16.69
CA SER A 117 11.32 3.63 -17.01
C SER A 117 10.70 2.26 -17.24
N GLY A 118 9.46 2.06 -16.82
CA GLY A 118 8.85 0.76 -16.86
C GLY A 118 8.98 -0.04 -15.56
N ALA A 119 9.73 0.49 -14.56
CA ALA A 119 9.92 -0.26 -13.30
C ALA A 119 8.62 -0.50 -12.53
N ILE A 120 7.85 0.58 -12.37
CA ILE A 120 6.46 0.55 -11.85
C ILE A 120 5.55 0.96 -13.00
N PRO A 121 4.75 -0.01 -13.51
CA PRO A 121 4.06 0.17 -14.79
C PRO A 121 2.74 0.95 -14.68
N VAL A 122 2.85 2.23 -14.31
CA VAL A 122 1.73 3.14 -14.31
C VAL A 122 1.88 3.89 -15.65
N ASP A 123 0.91 3.76 -16.56
CA ASP A 123 0.91 4.54 -17.83
C ASP A 123 0.68 6.05 -17.64
N HIS A 124 -0.19 6.46 -16.74
CA HIS A 124 -0.47 7.89 -16.50
C HIS A 124 -0.63 8.13 -15.04
N LEU A 125 0.15 9.06 -14.49
CA LEU A 125 0.04 9.50 -13.11
C LEU A 125 -0.91 10.64 -13.03
N ILE A 126 -1.77 10.63 -12.01
CA ILE A 126 -2.65 11.75 -11.76
C ILE A 126 -2.24 12.30 -10.41
N ALA A 127 -1.68 13.51 -10.40
CA ALA A 127 -1.10 14.09 -9.18
C ALA A 127 -1.96 15.27 -8.70
N PRO A 128 -2.87 15.02 -7.74
CA PRO A 128 -3.91 16.03 -7.52
C PRO A 128 -3.39 17.42 -7.10
N GLU A 129 -2.38 17.41 -6.27
CA GLU A 129 -1.82 18.66 -5.75
C GLU A 129 -1.16 19.48 -6.87
N GLU A 130 -0.38 18.81 -7.72
CA GLU A 130 0.27 19.46 -8.87
C GLU A 130 -0.83 20.01 -9.80
N LEU A 131 -1.89 19.23 -10.01
CA LEU A 131 -2.97 19.63 -10.92
C LEU A 131 -3.72 20.85 -10.38
N VAL A 132 -4.03 20.87 -9.08
CA VAL A 132 -4.61 22.04 -8.46
C VAL A 132 -3.72 23.29 -8.60
N THR A 133 -2.44 23.15 -8.32
CA THR A 133 -1.49 24.24 -8.44
C THR A 133 -1.46 24.79 -9.89
N SER A 134 -1.29 23.91 -10.89
CA SER A 134 -1.31 24.35 -12.29
C SER A 134 -2.62 24.97 -12.73
N TYR A 135 -3.73 24.45 -12.23
CA TYR A 135 -5.04 25.00 -12.55
C TYR A 135 -5.17 26.45 -12.05
N ILE A 136 -4.80 26.68 -10.80
CA ILE A 136 -4.80 28.02 -10.20
C ILE A 136 -3.91 28.99 -10.96
N GLU A 137 -2.72 28.54 -11.26
CA GLU A 137 -1.81 29.28 -12.12
C GLU A 137 -2.40 29.66 -13.49
N ARG A 138 -3.10 28.71 -14.10
CA ARG A 138 -3.83 28.89 -15.35
C ARG A 138 -4.88 30.02 -15.27
N LEU A 139 -5.66 30.00 -14.22
CA LEU A 139 -6.62 31.10 -13.96
C LEU A 139 -5.92 32.49 -13.77
N ILE A 140 -4.85 32.52 -13.01
CA ILE A 140 -4.08 33.75 -12.81
C ILE A 140 -3.53 34.33 -14.14
N GLN A 141 -3.10 33.44 -15.03
N GLN A 141 -3.08 33.46 -15.03
CA GLN A 141 -2.58 33.82 -16.35
CA GLN A 141 -2.56 33.89 -16.34
C GLN A 141 -3.69 34.04 -17.39
C GLN A 141 -3.69 34.20 -17.35
N TYR A 142 -4.94 33.97 -16.96
CA TYR A 142 -6.12 34.38 -17.74
C TYR A 142 -6.98 35.29 -16.86
N PRO A 143 -6.52 36.49 -16.63
CA PRO A 143 -7.24 37.35 -15.72
C PRO A 143 -8.71 37.58 -16.22
N GLY A 144 -9.64 37.53 -15.30
CA GLY A 144 -11.06 37.57 -15.64
C GLY A 144 -11.65 36.19 -15.85
N ALA A 145 -10.83 35.15 -15.97
CA ALA A 145 -11.41 33.84 -16.17
C ALA A 145 -11.93 33.22 -14.83
N LEU A 146 -13.08 32.54 -14.91
CA LEU A 146 -13.67 31.85 -13.79
C LEU A 146 -13.60 30.37 -13.87
N GLN A 147 -13.39 29.86 -15.08
CA GLN A 147 -13.12 28.48 -15.32
C GLN A 147 -12.40 28.34 -16.64
N VAL A 148 -11.49 27.39 -16.68
CA VAL A 148 -10.76 26.95 -17.87
C VAL A 148 -10.83 25.42 -17.96
N VAL A 149 -11.33 24.93 -19.10
CA VAL A 149 -11.48 23.51 -19.34
C VAL A 149 -10.84 23.22 -20.69
N SER A 150 -10.24 22.05 -20.83
CA SER A 150 -9.83 21.59 -22.16
C SER A 150 -10.51 20.26 -22.60
N PHE A 151 -10.54 20.09 -23.92
CA PHE A 151 -11.14 18.89 -24.56
C PHE A 151 -10.24 18.40 -25.67
N ALA A 152 -10.50 17.18 -26.13
CA ALA A 152 -9.81 16.62 -27.29
C ALA A 152 -8.29 16.68 -27.27
N GLU A 153 -7.69 16.06 -26.25
CA GLU A 153 -6.22 16.01 -26.05
C GLU A 153 -5.64 17.43 -26.20
N GLU A 154 -6.27 18.39 -25.53
CA GLU A 154 -5.73 19.75 -25.42
C GLU A 154 -5.72 20.55 -26.70
N LYS A 155 -6.58 20.18 -27.66
CA LYS A 155 -6.74 20.97 -28.86
C LYS A 155 -7.87 21.99 -28.76
N VAL A 156 -8.78 21.83 -27.80
CA VAL A 156 -9.91 22.70 -27.65
C VAL A 156 -9.93 23.23 -26.26
N SER A 157 -10.27 24.52 -26.11
CA SER A 157 -10.32 25.14 -24.79
C SER A 157 -11.60 25.89 -24.60
N LEU A 158 -11.97 26.03 -23.33
CA LEU A 158 -13.20 26.70 -22.95
C LEU A 158 -12.90 27.61 -21.80
N VAL A 159 -13.26 28.90 -21.92
N VAL A 159 -13.34 28.87 -21.90
CA VAL A 159 -13.06 29.85 -20.83
CA VAL A 159 -13.05 29.88 -20.89
C VAL A 159 -14.34 30.60 -20.48
C VAL A 159 -14.35 30.61 -20.49
N ALA A 160 -14.62 30.69 -19.18
CA ALA A 160 -15.79 31.41 -18.66
C ALA A 160 -15.31 32.76 -18.20
N VAL A 161 -16.05 33.78 -18.60
CA VAL A 161 -15.83 35.15 -18.10
C VAL A 161 -17.19 35.68 -17.64
N LYS A 162 -17.16 36.76 -16.88
CA LYS A 162 -18.38 37.42 -16.40
C LYS A 162 -18.54 38.79 -17.09
N ALA A 163 -19.66 38.96 -17.77
CA ALA A 163 -19.93 40.18 -18.49
C ALA A 163 -20.15 41.32 -17.50
N TYR A 164 -19.61 42.50 -17.77
CA TYR A 164 -19.76 43.61 -16.85
C TYR A 164 -20.19 44.84 -17.61
N TYR A 165 -20.85 45.77 -16.92
CA TYR A 165 -21.28 47.01 -17.57
C TYR A 165 -20.06 47.66 -18.20
N GLY A 166 -20.22 48.20 -19.41
CA GLY A 166 -19.11 48.87 -20.09
C GLY A 166 -18.17 47.97 -20.86
N GLY A 167 -18.25 46.66 -20.63
CA GLY A 167 -17.38 45.70 -21.32
C GLY A 167 -17.89 45.40 -22.71
N PRO A 168 -17.16 44.60 -23.48
CA PRO A 168 -17.52 44.41 -24.88
C PRO A 168 -18.70 43.44 -25.12
N LEU A 169 -19.17 42.76 -24.08
CA LEU A 169 -20.20 41.76 -24.29
C LEU A 169 -21.60 42.32 -24.05
N VAL A 170 -21.74 43.24 -23.10
CA VAL A 170 -23.08 43.55 -22.61
C VAL A 170 -23.83 44.31 -23.70
N GLY A 171 -25.07 43.90 -23.94
CA GLY A 171 -25.95 44.61 -24.88
C GLY A 171 -25.80 44.15 -26.33
N ASN A 172 -24.89 43.22 -26.62
CA ASN A 172 -24.74 42.70 -27.99
C ASN A 172 -25.31 41.30 -28.18
N ALA A 173 -25.76 41.01 -29.39
CA ALA A 173 -26.29 39.69 -29.70
C ALA A 173 -25.12 38.79 -30.08
N LEU A 174 -25.25 37.50 -29.81
CA LEU A 174 -24.18 36.56 -30.17
C LEU A 174 -23.83 36.60 -31.67
N SER A 175 -24.85 36.71 -32.54
CA SER A 175 -24.60 36.82 -33.99
C SER A 175 -23.69 37.99 -34.35
N ALA A 176 -23.90 39.10 -33.65
CA ALA A 176 -23.09 40.29 -33.82
C ALA A 176 -21.69 40.10 -33.26
N LEU A 177 -21.57 39.53 -32.07
CA LEU A 177 -20.27 39.38 -31.42
C LEU A 177 -19.31 38.55 -32.28
N ARG A 178 -19.77 37.36 -32.67
CA ARG A 178 -19.11 36.54 -33.71
C ARG A 178 -18.44 37.39 -34.81
N GLU A 179 -19.20 38.30 -35.41
CA GLU A 179 -18.67 39.09 -36.52
C GLU A 179 -17.82 40.30 -36.09
N HIS A 180 -17.78 40.65 -34.81
CA HIS A 180 -16.86 41.70 -34.37
C HIS A 180 -15.49 41.15 -34.05
N PRO A 182 -13.91 38.88 -36.56
CA PRO A 182 -14.15 38.09 -37.77
C PRO A 182 -13.07 37.03 -38.12
N HIS A 183 -11.81 37.25 -37.76
CA HIS A 183 -10.76 36.28 -38.18
C HIS A 183 -10.51 35.22 -37.15
N ILE A 184 -10.98 35.44 -35.94
CA ILE A 184 -10.74 34.58 -34.78
C ILE A 184 -11.97 33.73 -34.51
N ASP A 185 -11.83 32.44 -34.70
CA ASP A 185 -12.97 31.59 -34.64
C ASP A 185 -13.24 31.11 -33.22
N THR A 186 -14.38 31.55 -32.71
CA THR A 186 -14.87 31.17 -31.38
C THR A 186 -16.40 31.26 -31.38
N ARG A 187 -17.02 30.54 -30.47
CA ARG A 187 -18.43 30.67 -30.24
C ARG A 187 -18.78 30.52 -28.78
N VAL A 188 -19.96 31.02 -28.41
CA VAL A 188 -20.39 30.91 -27.02
C VAL A 188 -20.96 29.50 -26.82
N ALA A 189 -20.38 28.73 -25.90
CA ALA A 189 -20.84 27.33 -25.62
C ALA A 189 -21.95 27.27 -24.58
N ALA A 190 -22.00 28.24 -23.66
CA ALA A 190 -22.91 28.19 -22.55
C ALA A 190 -23.01 29.52 -21.89
N ILE A 191 -24.15 29.76 -21.30
CA ILE A 191 -24.36 30.96 -20.52
C ILE A 191 -25.11 30.61 -19.23
N PHE A 192 -24.77 31.29 -18.13
CA PHE A 192 -25.48 31.12 -16.85
C PHE A 192 -25.96 32.49 -16.44
N ARG A 193 -27.28 32.60 -16.30
CA ARG A 193 -27.94 33.87 -16.06
C ARG A 193 -28.90 33.71 -14.89
N GLN A 194 -28.72 34.55 -13.86
CA GLN A 194 -29.62 34.54 -12.67
C GLN A 194 -29.90 33.15 -12.08
N GLY A 195 -28.87 32.38 -11.78
CA GLY A 195 -29.08 31.09 -11.16
C GLY A 195 -29.41 29.97 -12.11
N ARG A 196 -29.46 30.23 -13.42
CA ARG A 196 -29.84 29.16 -14.37
C ARG A 196 -29.09 29.18 -15.72
N PRO A 197 -28.88 28.00 -16.31
CA PRO A 197 -28.27 27.89 -17.62
C PRO A 197 -29.27 28.37 -18.63
N ILE A 198 -28.83 29.05 -19.67
CA ILE A 198 -29.71 29.32 -20.81
C ILE A 198 -29.05 28.91 -22.12
N ARG A 199 -29.86 28.66 -23.13
CA ARG A 199 -29.32 28.22 -24.40
C ARG A 199 -28.73 29.38 -25.20
N PRO A 200 -27.43 29.34 -25.52
CA PRO A 200 -26.98 30.48 -26.33
C PRO A 200 -27.58 30.37 -27.75
N GLN A 201 -28.28 31.40 -28.21
CA GLN A 201 -28.73 31.50 -29.60
C GLN A 201 -28.19 32.77 -30.25
N GLY A 202 -28.23 32.79 -31.57
CA GLY A 202 -27.86 33.98 -32.38
C GLY A 202 -28.51 35.26 -31.86
N THR A 203 -29.75 35.12 -31.40
CA THR A 203 -30.53 36.26 -30.93
C THR A 203 -30.27 36.60 -29.46
N THR A 204 -29.55 35.74 -28.72
CA THR A 204 -29.33 36.00 -27.32
C THR A 204 -28.57 37.31 -27.18
N ILE A 205 -29.03 38.16 -26.28
CA ILE A 205 -28.34 39.41 -25.96
C ILE A 205 -27.69 39.26 -24.59
N ILE A 206 -26.39 39.46 -24.50
CA ILE A 206 -25.71 39.29 -23.21
C ILE A 206 -26.00 40.41 -22.23
N GLU A 207 -26.26 40.02 -20.98
CA GLU A 207 -26.55 40.98 -19.90
C GLU A 207 -25.42 41.01 -18.87
N ALA A 208 -25.40 42.11 -18.12
CA ALA A 208 -24.49 42.27 -17.02
C ALA A 208 -24.65 41.14 -16.05
N ASP A 209 -23.51 40.59 -15.59
CA ASP A 209 -23.51 39.50 -14.61
C ASP A 209 -23.71 38.11 -15.20
N ASP A 210 -24.02 38.01 -16.51
CA ASP A 210 -23.92 36.70 -17.20
C ASP A 210 -22.54 36.08 -17.08
N GLU A 211 -22.50 34.79 -16.77
CA GLU A 211 -21.30 34.02 -17.00
C GLU A 211 -21.38 33.42 -18.40
N VAL A 212 -20.38 33.73 -19.22
CA VAL A 212 -20.41 33.42 -20.65
C VAL A 212 -19.19 32.60 -20.97
N PHE A 213 -19.40 31.47 -21.63
CA PHE A 213 -18.33 30.50 -21.85
C PHE A 213 -17.97 30.53 -23.31
N PHE A 214 -16.71 30.82 -23.62
CA PHE A 214 -16.22 30.75 -25.01
C PHE A 214 -15.43 29.51 -25.34
N VAL A 215 -15.71 28.89 -26.50
CA VAL A 215 -14.98 27.71 -26.90
C VAL A 215 -14.18 28.10 -28.12
N ALA A 216 -12.94 27.62 -28.19
CA ALA A 216 -12.05 27.86 -29.34
C ALA A 216 -10.91 26.85 -29.35
N ALA A 217 -10.16 26.81 -30.42
CA ALA A 217 -8.99 25.97 -30.44
C ALA A 217 -8.02 26.43 -29.33
N SER A 218 -7.33 25.52 -28.66
N SER A 218 -7.34 25.50 -28.67
CA SER A 218 -6.37 25.95 -27.64
CA SER A 218 -6.35 25.90 -27.66
C SER A 218 -5.23 26.77 -28.29
C SER A 218 -5.26 26.78 -28.29
N ASN A 219 -5.02 26.60 -29.58
CA ASN A 219 -4.02 27.34 -30.33
C ASN A 219 -4.36 28.83 -30.47
N HIS A 220 -5.63 29.20 -30.29
CA HIS A 220 -6.16 30.55 -30.40
C HIS A 220 -6.84 31.16 -29.19
N ILE A 221 -7.17 30.36 -28.19
CA ILE A 221 -7.97 30.80 -27.05
C ILE A 221 -7.46 32.09 -26.39
N ARG A 222 -6.14 32.28 -26.27
CA ARG A 222 -5.65 33.50 -25.68
C ARG A 222 -5.94 34.75 -26.55
N SER A 223 -5.95 34.61 -27.86
CA SER A 223 -6.39 35.74 -28.71
C SER A 223 -7.87 36.05 -28.49
N VAL A 224 -8.66 35.03 -28.13
CA VAL A 224 -10.03 35.28 -27.76
C VAL A 224 -10.11 36.16 -26.52
N SER A 226 -7.94 38.08 -25.45
CA SER A 226 -7.36 39.38 -25.79
C SER A 226 -8.40 40.28 -26.44
N GLU A 227 -9.10 39.75 -27.43
CA GLU A 227 -10.23 40.45 -28.03
C GLU A 227 -11.29 40.75 -27.01
N LEU A 228 -11.48 39.92 -26.02
CA LEU A 228 -12.50 40.25 -24.99
C LEU A 228 -12.04 41.29 -23.95
N GLN A 229 -10.87 41.93 -24.18
CA GLN A 229 -10.32 42.95 -23.30
C GLN A 229 -9.96 42.45 -21.89
N ARG A 230 -9.87 41.14 -21.70
CA ARG A 230 -9.57 40.56 -20.41
C ARG A 230 -8.08 40.72 -20.03
N LEU A 231 -7.23 40.81 -21.02
CA LEU A 231 -5.81 40.83 -20.77
C LEU A 231 -5.28 42.25 -20.57
N GLU A 232 -6.18 43.24 -20.61
CA GLU A 232 -5.82 44.64 -20.46
C GLU A 232 -5.43 45.02 -19.02
N LYS A 233 -5.94 44.27 -18.05
CA LYS A 233 -5.62 44.51 -16.62
C LYS A 233 -5.26 43.19 -15.93
N PRO A 234 -3.99 42.84 -15.96
CA PRO A 234 -3.52 41.67 -15.31
C PRO A 234 -3.54 41.82 -13.77
N TYR A 235 -3.54 40.71 -13.07
CA TYR A 235 -3.50 40.76 -11.64
C TYR A 235 -2.10 41.19 -11.29
N ARG A 236 -1.93 41.81 -10.15
CA ARG A 236 -0.63 42.31 -9.67
C ARG A 236 -0.30 41.82 -8.26
N ARG A 237 -1.26 41.93 -7.34
CA ARG A 237 -1.05 41.67 -5.92
C ARG A 237 -1.85 40.41 -5.55
N ILE A 238 -1.14 39.40 -5.09
N ILE A 238 -1.13 39.37 -5.15
CA ILE A 238 -1.70 38.11 -4.79
CA ILE A 238 -1.69 38.08 -4.80
C ILE A 238 -1.41 37.76 -3.33
C ILE A 238 -1.44 37.82 -3.32
N ILE A 240 -1.84 34.60 -0.57
CA ILE A 240 -2.11 33.19 -0.35
C ILE A 240 -2.14 32.94 1.16
N VAL A 241 -3.14 32.16 1.56
CA VAL A 241 -3.28 31.71 2.90
C VAL A 241 -3.19 30.18 2.87
N GLY A 242 -2.22 29.65 3.62
CA GLY A 242 -1.94 28.22 3.67
C GLY A 242 -0.69 27.84 2.91
N GLY A 243 0.39 27.56 3.65
CA GLY A 243 1.68 27.20 3.05
C GLY A 243 1.99 25.71 2.92
N GLY A 244 0.93 24.93 2.67
CA GLY A 244 1.09 23.49 2.44
C GLY A 244 1.65 23.22 1.06
N ASN A 245 1.61 21.98 0.60
CA ASN A 245 2.16 21.68 -0.73
C ASN A 245 1.64 22.55 -1.86
N ILE A 246 0.32 22.81 -1.91
CA ILE A 246 -0.21 23.61 -2.95
C ILE A 246 0.18 25.09 -2.83
N GLY A 247 -0.06 25.68 -1.67
CA GLY A 247 0.23 27.06 -1.44
C GLY A 247 1.70 27.38 -1.66
N ALA A 248 2.58 26.54 -1.16
CA ALA A 248 4.02 26.74 -1.32
C ALA A 248 4.49 26.59 -2.76
N SER A 249 3.95 25.60 -3.49
N SER A 249 3.93 25.62 -3.50
CA SER A 249 4.28 25.43 -4.90
CA SER A 249 4.29 25.43 -4.91
C SER A 249 3.80 26.66 -5.68
C SER A 249 3.75 26.58 -5.77
N LEU A 250 2.55 27.03 -5.49
CA LEU A 250 1.98 28.23 -6.17
C LEU A 250 2.77 29.52 -5.93
N ALA A 251 3.15 29.76 -4.68
CA ALA A 251 3.95 30.98 -4.37
C ALA A 251 5.24 30.95 -5.12
N LYS A 252 5.91 29.81 -5.11
CA LYS A 252 7.15 29.62 -5.87
C LYS A 252 6.95 29.94 -7.34
N ARG A 253 5.89 29.43 -7.94
CA ARG A 253 5.63 29.68 -9.35
C ARG A 253 5.22 31.10 -9.69
N LEU A 254 4.61 31.83 -8.76
CA LEU A 254 4.13 33.18 -9.05
C LEU A 254 5.08 34.32 -8.60
N GLU A 255 5.98 34.05 -7.66
CA GLU A 255 6.61 35.13 -6.91
C GLU A 255 7.54 36.07 -7.73
N GLN A 256 8.07 35.62 -8.85
CA GLN A 256 8.90 36.45 -9.74
C GLN A 256 8.10 37.27 -10.76
N THR A 257 6.81 36.99 -10.94
CA THR A 257 5.96 37.76 -11.86
C THR A 257 4.76 38.49 -11.21
N TYR A 258 4.53 38.29 -9.91
CA TYR A 258 3.43 38.90 -9.17
C TYR A 258 4.01 39.25 -7.85
N SER A 259 3.32 40.13 -7.16
CA SER A 259 3.69 40.54 -5.84
C SER A 259 2.90 39.64 -4.88
N VAL A 260 3.59 38.67 -4.27
CA VAL A 260 2.94 37.61 -3.46
C VAL A 260 3.24 37.77 -1.95
N LYS A 261 2.17 37.66 -1.13
CA LYS A 261 2.26 37.51 0.28
C LYS A 261 1.68 36.14 0.61
N LEU A 262 2.29 35.47 1.56
CA LEU A 262 1.83 34.15 1.99
C LEU A 262 1.71 34.13 3.49
N ILE A 263 0.55 33.70 3.98
CA ILE A 263 0.30 33.58 5.44
C ILE A 263 0.18 32.11 5.82
N GLU A 264 1.08 31.64 6.67
CA GLU A 264 1.12 30.26 7.17
C GLU A 264 0.97 30.26 8.69
N ARG A 265 0.01 29.46 9.21
CA ARG A 265 -0.22 29.36 10.65
C ARG A 265 0.93 28.71 11.48
N ASN A 266 1.53 27.62 10.99
CA ASN A 266 2.62 26.90 11.71
C ASN A 266 3.92 27.68 11.64
N LEU A 267 4.49 28.00 12.81
CA LEU A 267 5.71 28.81 12.86
C LEU A 267 6.89 28.09 12.20
N GLN A 268 7.09 26.82 12.51
CA GLN A 268 8.18 26.09 11.88
C GLN A 268 8.08 26.09 10.36
N ARG A 269 6.88 25.86 9.82
CA ARG A 269 6.71 25.83 8.37
C ARG A 269 6.95 27.21 7.75
N ALA A 270 6.43 28.24 8.40
CA ALA A 270 6.59 29.63 7.93
C ALA A 270 8.08 30.05 7.91
N GLU A 271 8.84 29.59 8.89
CA GLU A 271 10.27 29.88 8.89
C GLU A 271 10.87 29.22 7.67
N LYS A 272 10.46 27.97 7.40
CA LYS A 272 11.03 27.24 6.27
C LYS A 272 10.70 28.00 4.99
N LEU A 273 9.46 28.41 4.86
CA LEU A 273 9.01 29.07 3.65
C LEU A 273 9.66 30.44 3.45
N SER A 274 9.85 31.16 4.54
CA SER A 274 10.55 32.43 4.51
C SER A 274 11.93 32.31 3.81
N GLU A 275 12.64 31.24 4.14
CA GLU A 275 13.92 30.89 3.54
C GLU A 275 13.79 30.42 2.10
N GLU A 276 12.81 29.56 1.85
CA GLU A 276 12.67 28.89 0.56
C GLU A 276 12.17 29.84 -0.53
N LEU A 277 11.26 30.75 -0.15
CA LEU A 277 10.56 31.59 -1.13
C LEU A 277 11.16 32.99 -1.06
N GLU A 278 12.20 33.17 -1.87
CA GLU A 278 13.08 34.33 -1.69
C GLU A 278 12.46 35.61 -2.16
N ASN A 279 11.45 35.54 -3.01
CA ASN A 279 10.74 36.75 -3.43
C ASN A 279 9.29 36.90 -2.93
N THR A 280 8.89 36.08 -1.96
CA THR A 280 7.55 36.16 -1.36
C THR A 280 7.69 36.71 0.05
N ILE A 281 6.72 37.48 0.49
CA ILE A 281 6.67 37.97 1.85
C ILE A 281 5.86 37.00 2.69
N VAL A 282 6.52 36.42 3.69
CA VAL A 282 5.93 35.30 4.43
C VAL A 282 5.61 35.75 5.84
N PHE A 283 4.37 35.51 6.25
CA PHE A 283 3.89 35.83 7.60
C PHE A 283 3.47 34.56 8.32
N CYS A 284 3.69 34.54 9.63
CA CYS A 284 3.16 33.50 10.46
C CYS A 284 1.95 34.09 11.15
N GLY A 285 0.78 33.56 10.85
CA GLY A 285 -0.48 34.11 11.34
C GLY A 285 -1.71 33.29 10.97
N ASP A 286 -2.86 33.75 11.42
CA ASP A 286 -4.10 33.05 11.14
C ASP A 286 -4.61 33.50 9.80
N ALA A 287 -5.29 32.60 9.12
CA ALA A 287 -5.82 32.93 7.80
C ALA A 287 -6.92 34.01 7.81
N ALA A 288 -7.64 34.14 8.92
CA ALA A 288 -8.78 35.07 9.01
C ALA A 288 -8.64 36.09 10.14
N ASP A 289 -7.51 36.79 10.13
CA ASP A 289 -7.14 37.79 11.15
C ASP A 289 -7.33 39.19 10.56
N GLN A 290 -8.36 39.91 10.99
CA GLN A 290 -8.71 41.22 10.41
C GLN A 290 -7.59 42.23 10.55
N GLU A 291 -6.97 42.24 11.72
CA GLU A 291 -5.83 43.09 11.99
C GLU A 291 -4.66 42.88 11.02
N LEU A 292 -4.21 41.64 10.88
CA LEU A 292 -3.13 41.32 9.93
C LEU A 292 -3.55 41.73 8.53
N LEU A 293 -4.73 41.29 8.10
CA LEU A 293 -5.19 41.62 6.74
C LEU A 293 -5.19 43.13 6.51
N THR A 294 -5.65 43.89 7.49
CA THR A 294 -5.64 45.37 7.37
C THR A 294 -4.25 45.95 7.23
N GLU A 295 -3.32 45.51 8.07
CA GLU A 295 -1.90 45.91 7.99
C GLU A 295 -1.34 45.62 6.61
N GLU A 296 -1.76 44.50 6.02
CA GLU A 296 -1.21 44.11 4.75
C GLU A 296 -2.04 44.50 3.56
N ASN A 297 -2.91 45.48 3.73
CA ASN A 297 -3.58 46.14 2.62
C ASN A 297 -4.46 45.18 1.81
N ILE A 298 -5.24 44.39 2.54
CA ILE A 298 -6.16 43.44 1.90
C ILE A 298 -7.03 44.11 0.85
N ASP A 299 -7.37 45.37 1.10
CA ASP A 299 -8.18 46.17 0.18
C ASP A 299 -7.51 46.51 -1.16
N GLN A 300 -6.21 46.27 -1.31
CA GLN A 300 -5.55 46.44 -2.61
C GLN A 300 -5.23 45.07 -3.26
N VAL A 301 -5.58 43.98 -2.57
CA VAL A 301 -5.27 42.63 -3.09
C VAL A 301 -6.13 42.31 -4.33
N ASP A 302 -5.48 41.84 -5.40
CA ASP A 302 -6.19 41.44 -6.62
C ASP A 302 -6.80 40.06 -6.49
N VAL A 303 -6.05 39.10 -6.00
CA VAL A 303 -6.57 37.78 -5.77
C VAL A 303 -6.12 37.24 -4.45
N PHE A 304 -7.09 36.82 -3.62
CA PHE A 304 -6.86 36.20 -2.32
C PHE A 304 -7.19 34.72 -2.45
N ILE A 305 -6.22 33.87 -2.18
CA ILE A 305 -6.32 32.45 -2.47
C ILE A 305 -6.10 31.67 -1.18
N ALA A 306 -7.17 31.02 -0.73
CA ALA A 306 -7.20 30.34 0.53
C ALA A 306 -7.04 28.83 0.32
N LEU A 307 -5.85 28.38 0.66
CA LEU A 307 -5.41 27.05 0.36
C LEU A 307 -5.02 26.25 1.63
N THR A 308 -5.64 26.52 2.78
CA THR A 308 -5.36 25.73 3.97
C THR A 308 -5.96 24.36 3.82
N ASN A 309 -5.51 23.54 4.73
CA ASN A 309 -5.97 22.20 4.93
C ASN A 309 -7.28 22.11 5.73
N GLU A 310 -8.05 23.21 5.83
CA GLU A 310 -9.42 23.17 6.40
C GLU A 310 -10.41 24.00 5.59
N ASP A 311 -11.44 23.35 5.07
CA ASP A 311 -12.40 24.02 4.23
C ASP A 311 -13.11 25.23 4.88
N GLU A 312 -13.44 25.12 6.16
CA GLU A 312 -14.25 26.15 6.83
C GLU A 312 -13.34 27.35 6.99
N THR A 313 -12.05 27.10 7.23
CA THR A 313 -11.07 28.20 7.34
C THR A 313 -10.93 28.92 6.00
N ASN A 314 -10.89 28.12 4.92
CA ASN A 314 -10.77 28.70 3.58
C ASN A 314 -11.97 29.56 3.24
N ILE A 315 -13.14 29.00 3.45
CA ILE A 315 -14.36 29.74 3.20
C ILE A 315 -14.44 31.01 4.06
N SER A 317 -12.04 32.71 5.64
CA SER A 317 -10.99 33.69 5.30
C SER A 317 -11.25 34.37 3.95
N ALA A 318 -11.71 33.64 2.96
CA ALA A 318 -12.17 34.24 1.69
C ALA A 318 -13.34 35.21 1.81
N LEU A 320 -14.19 36.87 4.52
CA LEU A 320 -13.70 38.07 5.22
C LEU A 320 -12.87 38.92 4.26
N ALA A 321 -11.96 38.31 3.50
CA ALA A 321 -11.17 39.10 2.53
C ALA A 321 -12.03 39.91 1.54
N LYS A 322 -13.01 39.26 0.91
CA LYS A 322 -13.90 39.93 -0.04
C LYS A 322 -14.62 41.10 0.65
N ARG A 323 -15.19 40.84 1.81
CA ARG A 323 -15.82 41.87 2.66
C ARG A 323 -14.88 43.02 2.91
N GLY A 325 -12.43 43.90 0.92
CA GLY A 325 -12.12 44.61 -0.33
C GLY A 325 -11.16 43.94 -1.30
N ALA A 326 -10.81 42.68 -1.04
CA ALA A 326 -10.02 41.92 -1.97
C ALA A 326 -10.87 41.78 -3.24
N LYS A 327 -10.28 41.98 -4.42
CA LYS A 327 -11.06 42.07 -5.65
C LYS A 327 -11.66 40.74 -6.07
N LYS A 328 -10.89 39.66 -5.90
CA LYS A 328 -11.37 38.30 -6.19
C LYS A 328 -10.85 37.34 -5.13
N VAL A 329 -11.64 36.34 -4.80
CA VAL A 329 -11.17 35.34 -3.82
C VAL A 329 -11.42 33.94 -4.35
N VAL A 331 -11.02 29.60 -3.18
CA VAL A 331 -10.92 28.72 -2.04
C VAL A 331 -10.71 27.26 -2.49
N LEU A 332 -9.88 26.58 -1.74
CA LEU A 332 -9.67 25.14 -1.89
C LEU A 332 -10.71 24.45 -1.00
N ILE A 333 -11.45 23.52 -1.60
CA ILE A 333 -12.46 22.76 -0.92
C ILE A 333 -12.21 21.27 -1.23
N GLN A 334 -12.05 20.42 -0.24
CA GLN A 334 -12.01 18.97 -0.58
C GLN A 334 -13.16 18.42 -1.47
N ARG A 335 -14.42 18.61 -1.12
CA ARG A 335 -15.49 17.83 -1.76
C ARG A 335 -16.01 18.53 -3.06
N GLY A 336 -15.96 17.79 -4.19
CA GLY A 336 -16.48 18.29 -5.51
C GLY A 336 -17.90 18.89 -5.61
N ALA A 337 -18.88 18.28 -4.92
CA ALA A 337 -20.28 18.78 -4.90
C ALA A 337 -20.46 20.19 -4.27
N TYR A 338 -19.50 20.48 -3.37
CA TYR A 338 -19.57 21.65 -2.52
C TYR A 338 -19.08 22.80 -3.32
N VAL A 339 -18.21 22.52 -4.28
CA VAL A 339 -17.59 23.56 -5.08
C VAL A 339 -18.61 24.52 -5.60
N ASP A 340 -19.57 24.07 -6.40
CA ASP A 340 -20.65 24.95 -6.91
C ASP A 340 -21.61 25.54 -5.88
N LEU A 341 -21.76 24.89 -4.79
CA LEU A 341 -22.55 25.53 -3.80
C LEU A 341 -21.79 26.78 -3.37
N VAL A 342 -20.48 26.68 -3.26
CA VAL A 342 -19.71 27.73 -2.58
C VAL A 342 -19.52 28.95 -3.49
N GLN A 343 -19.35 28.72 -4.78
CA GLN A 343 -18.92 29.76 -5.69
C GLN A 343 -20.06 30.49 -6.37
N GLY A 344 -19.78 31.74 -6.72
CA GLY A 344 -20.66 32.48 -7.66
C GLY A 344 -21.20 33.78 -7.15
N GLY A 345 -21.04 34.03 -5.86
CA GLY A 345 -21.46 35.27 -5.22
C GLY A 345 -20.27 35.84 -4.50
N VAL A 346 -20.21 35.81 -3.17
CA VAL A 346 -19.02 36.40 -2.53
C VAL A 346 -17.70 35.64 -2.82
N ILE A 347 -17.78 34.34 -3.10
CA ILE A 347 -16.58 33.56 -3.42
C ILE A 347 -16.58 33.34 -4.94
N ASP A 348 -15.62 33.95 -5.62
CA ASP A 348 -15.57 33.85 -7.10
C ASP A 348 -15.27 32.46 -7.63
N VAL A 349 -14.26 31.78 -7.08
CA VAL A 349 -14.00 30.39 -7.47
C VAL A 349 -13.63 29.48 -6.33
N ALA A 350 -14.15 28.26 -6.44
CA ALA A 350 -13.86 27.21 -5.52
C ALA A 350 -13.21 26.14 -6.35
N ILE A 351 -12.14 25.55 -5.80
CA ILE A 351 -11.37 24.56 -6.51
C ILE A 351 -11.24 23.31 -5.63
N SER A 352 -11.41 22.10 -6.18
CA SER A 352 -11.11 20.90 -5.39
C SER A 352 -10.13 19.97 -6.07
N PRO A 353 -9.33 19.27 -5.28
CA PRO A 353 -8.47 18.30 -5.93
C PRO A 353 -9.22 17.14 -6.56
N GLN A 354 -10.42 16.84 -6.08
CA GLN A 354 -11.21 15.77 -6.71
C GLN A 354 -11.62 16.20 -8.07
N GLN A 355 -12.01 17.46 -8.21
CA GLN A 355 -12.36 17.99 -9.50
C GLN A 355 -11.21 17.96 -10.45
N ALA A 356 -10.05 18.44 -10.02
CA ALA A 356 -8.87 18.42 -10.87
C ALA A 356 -8.48 17.00 -11.22
N THR A 357 -8.60 16.08 -10.27
CA THR A 357 -8.28 14.68 -10.54
C THR A 357 -9.26 14.13 -11.62
N ILE A 358 -10.53 14.45 -11.48
CA ILE A 358 -11.54 14.02 -12.47
C ILE A 358 -11.32 14.63 -13.87
N SER A 359 -10.98 15.91 -13.95
CA SER A 359 -10.71 16.51 -15.25
C SER A 359 -9.53 15.79 -15.90
N ALA A 360 -8.48 15.49 -15.13
CA ALA A 360 -7.33 14.82 -15.71
C ALA A 360 -7.74 13.44 -16.23
N LEU A 361 -8.48 12.69 -15.41
CA LEU A 361 -8.93 11.38 -15.83
C LEU A 361 -9.74 11.48 -17.11
N LEU A 362 -10.60 12.51 -17.24
CA LEU A 362 -11.42 12.61 -18.44
C LEU A 362 -10.62 12.83 -19.72
N THR A 363 -9.42 13.41 -19.63
CA THR A 363 -8.59 13.56 -20.84
C THR A 363 -8.20 12.21 -21.36
N HIS A 364 -7.89 11.29 -20.45
CA HIS A 364 -7.61 9.91 -20.84
C HIS A 364 -8.85 9.14 -21.31
N VAL A 365 -9.99 9.33 -20.66
CA VAL A 365 -11.26 8.71 -21.10
C VAL A 365 -11.63 9.13 -22.52
N ARG A 366 -11.62 10.44 -22.76
CA ARG A 366 -11.94 11.04 -24.08
C ARG A 366 -10.91 10.59 -25.14
N ARG A 367 -9.62 10.54 -24.80
CA ARG A 367 -8.62 10.05 -25.74
C ARG A 367 -8.91 8.59 -26.12
N ALA A 368 -9.41 7.79 -25.18
CA ALA A 368 -9.69 6.39 -25.49
C ALA A 368 -11.06 6.20 -26.16
N ASP A 369 -11.70 7.28 -26.60
CA ASP A 369 -13.03 7.21 -27.22
C ASP A 369 -14.09 6.54 -26.33
N ILE A 370 -14.10 6.85 -25.07
CA ILE A 370 -15.08 6.26 -24.12
C ILE A 370 -16.19 7.29 -23.85
N VAL A 371 -17.47 6.86 -23.86
CA VAL A 371 -18.64 7.77 -23.64
C VAL A 371 -18.44 8.54 -22.35
N ASN A 372 -18.64 9.86 -22.37
CA ASN A 372 -18.27 10.70 -21.22
C ASN A 372 -19.14 11.96 -21.15
N VAL A 373 -19.42 12.42 -19.93
CA VAL A 373 -20.03 13.72 -19.71
C VAL A 373 -19.28 14.40 -18.58
N SER A 374 -19.30 15.73 -18.54
CA SER A 374 -18.86 16.48 -17.34
C SER A 374 -19.74 17.74 -17.15
N SER A 375 -19.84 18.27 -15.93
CA SER A 375 -20.62 19.49 -15.67
C SER A 375 -19.73 20.71 -15.69
N LEU A 376 -20.12 21.82 -16.34
CA LEU A 376 -19.37 23.08 -16.21
C LEU A 376 -19.65 23.77 -14.90
N ARG A 377 -18.87 24.81 -14.64
CA ARG A 377 -19.03 25.65 -13.45
C ARG A 377 -20.47 26.10 -13.26
N ARG A 378 -20.96 25.91 -12.04
CA ARG A 378 -22.31 26.26 -11.62
C ARG A 378 -23.43 25.59 -12.38
N GLY A 379 -23.13 24.51 -13.10
CA GLY A 379 -24.11 23.80 -13.88
C GLY A 379 -24.49 24.58 -15.12
N ALA A 380 -23.62 25.47 -15.60
CA ALA A 380 -23.89 26.20 -16.84
C ALA A 380 -24.26 25.31 -18.05
N ALA A 381 -23.69 24.12 -18.14
CA ALA A 381 -24.08 23.12 -19.16
C ALA A 381 -23.45 21.80 -18.80
N GLU A 382 -23.95 20.71 -19.36
CA GLU A 382 -23.21 19.48 -19.35
C GLU A 382 -22.39 19.40 -20.62
N ALA A 383 -21.11 18.99 -20.49
CA ALA A 383 -20.20 18.92 -21.63
C ALA A 383 -19.89 17.50 -22.01
N ILE A 384 -20.09 17.19 -23.29
CA ILE A 384 -19.89 15.86 -23.84
C ILE A 384 -18.94 15.92 -25.02
N GLU A 385 -17.98 15.00 -25.06
CA GLU A 385 -17.20 14.82 -26.29
C GLU A 385 -17.65 13.48 -26.86
N ALA A 386 -18.29 13.53 -28.04
CA ALA A 386 -18.79 12.31 -28.73
C ALA A 386 -17.93 12.02 -29.94
N VAL A 387 -17.85 10.76 -30.33
CA VAL A 387 -17.13 10.35 -31.51
C VAL A 387 -18.18 9.90 -32.52
N ALA A 388 -18.05 10.32 -33.77
CA ALA A 388 -18.96 9.93 -34.85
C ALA A 388 -18.44 8.68 -35.52
N HIS A 389 -18.78 7.52 -34.96
CA HIS A 389 -18.37 6.22 -35.48
C HIS A 389 -19.20 5.83 -36.66
N GLY A 390 -18.57 5.10 -37.58
CA GLY A 390 -19.24 4.52 -38.75
C GLY A 390 -19.31 5.44 -39.94
N ASP A 391 -19.46 4.85 -41.11
CA ASP A 391 -19.67 5.63 -42.30
C ASP A 391 -21.12 6.12 -42.39
N GLU A 392 -21.42 6.79 -43.49
CA GLU A 392 -22.70 7.42 -43.67
C GLU A 392 -23.87 6.43 -43.54
N SER A 393 -23.68 5.18 -43.95
CA SER A 393 -24.80 4.22 -43.83
C SER A 393 -24.88 3.64 -42.43
N ASN A 394 -23.82 3.76 -41.66
CA ASN A 394 -23.73 3.18 -40.32
C ASN A 394 -23.81 4.23 -39.20
N SER A 395 -24.19 5.47 -39.55
CA SER A 395 -24.26 6.60 -38.63
C SER A 395 -25.46 7.50 -38.93
N LYS A 396 -25.97 8.12 -37.89
CA LYS A 396 -27.06 9.06 -38.05
C LYS A 396 -26.52 10.45 -38.26
N VAL A 397 -25.21 10.65 -38.13
CA VAL A 397 -24.66 12.00 -38.26
C VAL A 397 -23.67 12.17 -39.37
N VAL A 398 -22.87 11.15 -39.66
CA VAL A 398 -21.82 11.23 -40.66
C VAL A 398 -22.41 11.56 -42.04
N GLY A 399 -21.84 12.56 -42.70
CA GLY A 399 -22.28 13.01 -44.03
C GLY A 399 -23.44 14.01 -43.96
N ARG A 400 -23.98 14.27 -42.77
CA ARG A 400 -24.99 15.33 -42.58
C ARG A 400 -24.41 16.64 -42.05
N ALA A 401 -25.05 17.75 -42.40
CA ALA A 401 -24.67 19.06 -41.87
C ALA A 401 -25.24 19.27 -40.50
N VAL A 402 -24.50 19.95 -39.61
CA VAL A 402 -24.99 20.29 -38.27
C VAL A 402 -26.41 20.85 -38.32
N GLY A 403 -26.67 21.65 -39.35
CA GLY A 403 -27.96 22.29 -39.54
C GLY A 403 -29.11 21.33 -39.79
N ASP A 404 -28.81 20.14 -40.27
CA ASP A 404 -29.84 19.13 -40.52
C ASP A 404 -29.90 18.03 -39.49
N ILE A 405 -28.99 18.02 -38.51
CA ILE A 405 -29.04 17.01 -37.48
C ILE A 405 -30.09 17.44 -36.47
N LYS A 406 -30.89 16.50 -35.99
CA LYS A 406 -31.92 16.82 -35.04
C LYS A 406 -31.30 16.57 -33.68
N LEU A 407 -30.89 17.63 -33.02
CA LEU A 407 -30.19 17.49 -31.75
C LEU A 407 -31.23 17.54 -30.67
N PRO A 408 -31.01 16.88 -29.53
CA PRO A 408 -32.01 17.07 -28.50
C PRO A 408 -32.12 18.52 -28.07
N PRO A 409 -33.18 18.88 -27.33
CA PRO A 409 -33.34 20.24 -26.89
C PRO A 409 -32.18 20.70 -25.99
N GLY A 410 -31.90 21.99 -26.05
CA GLY A 410 -30.91 22.62 -25.22
C GLY A 410 -29.48 22.28 -25.61
N THR A 411 -29.27 21.88 -26.88
CA THR A 411 -27.98 21.34 -27.31
C THR A 411 -27.24 22.34 -28.20
N THR A 412 -25.97 22.55 -27.92
CA THR A 412 -25.12 23.45 -28.71
C THR A 412 -23.86 22.69 -29.08
N ILE A 413 -23.57 22.57 -30.38
CA ILE A 413 -22.29 22.02 -30.84
C ILE A 413 -21.22 23.09 -30.83
N GLY A 414 -20.21 22.91 -29.99
CA GLY A 414 -19.14 23.89 -29.87
C GLY A 414 -18.03 23.75 -30.90
N ALA A 415 -17.48 22.55 -31.02
CA ALA A 415 -16.38 22.35 -31.91
C ALA A 415 -16.39 20.93 -32.40
N ILE A 416 -15.80 20.78 -33.58
CA ILE A 416 -15.52 19.50 -34.18
C ILE A 416 -13.98 19.38 -34.30
N VAL A 417 -13.44 18.22 -33.93
CA VAL A 417 -12.05 17.95 -34.09
C VAL A 417 -11.86 16.76 -35.07
N ARG A 418 -11.24 17.10 -36.18
CA ARG A 418 -11.10 16.25 -37.38
C ARG A 418 -9.62 16.03 -37.62
N GLY A 419 -9.07 14.92 -37.12
CA GLY A 419 -7.63 14.75 -37.06
C GLY A 419 -6.98 15.88 -36.23
N GLU A 420 -6.14 16.68 -36.86
CA GLU A 420 -5.47 17.79 -36.17
C GLU A 420 -6.26 19.10 -36.22
N GLU A 421 -7.32 19.09 -37.02
CA GLU A 421 -8.05 20.33 -37.34
C GLU A 421 -9.15 20.52 -36.33
N VAL A 422 -9.22 21.73 -35.82
CA VAL A 422 -10.29 22.18 -35.01
C VAL A 422 -11.19 23.12 -35.81
N LEU A 423 -12.48 22.78 -35.87
CA LEU A 423 -13.46 23.59 -36.60
C LEU A 423 -14.49 24.01 -35.57
N ILE A 424 -14.70 25.31 -35.45
CA ILE A 424 -15.73 25.81 -34.55
C ILE A 424 -16.98 25.62 -35.40
N ALA A 425 -17.96 24.88 -34.89
CA ALA A 425 -19.07 24.40 -35.71
C ALA A 425 -20.03 25.49 -36.15
N HIS A 426 -20.55 25.33 -37.36
CA HIS A 426 -21.61 26.16 -37.93
C HIS A 426 -22.70 25.26 -38.38
N ASP A 427 -23.87 25.82 -38.69
CA ASP A 427 -24.98 25.04 -39.22
C ASP A 427 -24.58 24.31 -40.53
N ARG A 428 -23.62 24.87 -41.25
CA ARG A 428 -23.13 24.32 -42.52
C ARG A 428 -22.05 23.22 -42.37
N THR A 429 -21.34 23.17 -41.25
CA THR A 429 -20.29 22.16 -41.03
C THR A 429 -20.86 20.74 -41.29
N VAL A 430 -20.18 19.92 -42.09
CA VAL A 430 -20.65 18.57 -42.42
C VAL A 430 -19.88 17.57 -41.55
N ILE A 431 -20.57 16.78 -40.74
CA ILE A 431 -19.89 15.84 -39.84
C ILE A 431 -19.21 14.73 -40.67
N GLU A 432 -18.00 14.33 -40.28
CA GLU A 432 -17.29 13.22 -40.93
C GLU A 432 -16.97 12.08 -39.97
N GLN A 433 -16.83 10.86 -40.54
CA GLN A 433 -16.55 9.68 -39.75
C GLN A 433 -15.32 9.87 -38.86
N ASP A 434 -15.45 9.48 -37.59
CA ASP A 434 -14.38 9.63 -36.56
C ASP A 434 -14.11 11.08 -36.11
N ASP A 435 -14.96 12.04 -36.48
CA ASP A 435 -14.89 13.39 -35.88
C ASP A 435 -15.13 13.26 -34.38
N HIS A 436 -14.44 14.06 -33.56
CA HIS A 436 -14.85 14.25 -32.16
C HIS A 436 -15.68 15.49 -32.11
N VAL A 437 -16.85 15.42 -31.50
CA VAL A 437 -17.74 16.54 -31.45
C VAL A 437 -17.90 16.93 -29.98
N VAL A 438 -17.62 18.19 -29.69
CA VAL A 438 -17.68 18.73 -28.32
C VAL A 438 -18.96 19.53 -28.28
N PHE A 440 -22.61 20.87 -25.77
CA PHE A 440 -23.02 21.43 -24.51
C PHE A 440 -24.54 21.38 -24.37
N LEU A 441 -25.01 20.80 -23.26
CA LEU A 441 -26.43 20.61 -23.04
C LEU A 441 -26.88 21.34 -21.78
N VAL A 442 -27.96 22.10 -21.93
CA VAL A 442 -28.52 22.87 -20.82
C VAL A 442 -29.07 21.95 -19.76
N ASP A 443 -29.72 20.90 -20.19
CA ASP A 443 -30.35 19.94 -19.29
C ASP A 443 -29.76 18.54 -19.46
N LYS A 444 -29.27 17.99 -18.37
CA LYS A 444 -28.59 16.71 -18.38
C LYS A 444 -29.52 15.58 -18.67
N LYS A 445 -30.83 15.77 -18.60
CA LYS A 445 -31.71 14.66 -18.90
C LYS A 445 -31.59 14.17 -20.37
N TYR A 446 -31.12 15.01 -21.29
CA TYR A 446 -30.92 14.64 -22.68
C TYR A 446 -29.55 14.01 -23.01
N VAL A 447 -28.71 13.79 -21.99
CA VAL A 447 -27.43 13.11 -22.18
C VAL A 447 -27.58 11.75 -22.86
N PRO A 448 -28.49 10.88 -22.35
CA PRO A 448 -28.72 9.62 -23.07
C PRO A 448 -29.08 9.82 -24.56
N ASP A 449 -29.85 10.86 -24.90
CA ASP A 449 -30.23 11.17 -26.28
C ASP A 449 -29.02 11.50 -27.21
N VAL A 450 -28.01 12.17 -26.69
CA VAL A 450 -26.80 12.41 -27.43
C VAL A 450 -26.06 11.08 -27.72
N GLU A 451 -25.93 10.20 -26.72
CA GLU A 451 -25.35 8.89 -26.97
C GLU A 451 -26.14 8.16 -28.10
N ALA A 452 -27.47 8.15 -28.06
CA ALA A 452 -28.26 7.44 -29.09
C ALA A 452 -28.10 8.06 -30.47
N LEU A 453 -27.92 9.38 -30.54
CA LEU A 453 -27.70 10.08 -31.83
C LEU A 453 -26.40 9.70 -32.49
N PHE A 454 -25.38 9.49 -31.68
CA PHE A 454 -24.05 9.19 -32.19
C PHE A 454 -23.70 7.73 -32.28
N GLN A 455 -24.53 6.83 -31.76
CA GLN A 455 -24.11 5.42 -31.74
C GLN A 455 -24.16 4.90 -33.19
N PRO A 456 -23.30 3.93 -33.51
CA PRO A 456 -23.33 3.35 -34.86
C PRO A 456 -24.44 2.32 -34.99
N SER A 457 -24.78 1.94 -36.23
N SER A 457 -24.76 1.94 -36.23
CA SER A 457 -25.80 0.95 -36.48
CA SER A 457 -25.72 0.90 -36.55
C SER A 457 -25.38 -0.38 -35.89
C SER A 457 -25.34 -0.41 -35.87
N PRO A 458 -26.34 -1.26 -35.51
CA PRO A 458 -27.77 -1.13 -35.76
C PRO A 458 -28.30 -0.20 -34.72
N PHE A 459 -29.13 0.75 -35.09
CA PHE A 459 -29.40 1.83 -34.13
C PHE A 459 -30.49 1.23 -33.30
N PHE A 460 -30.31 1.35 -31.99
CA PHE A 460 -30.87 0.34 -31.08
C PHE A 460 -32.23 0.75 -30.48
N ASN B 2 33.54 -1.46 7.03
CA ASN B 2 33.49 -2.95 6.93
C ASN B 2 32.27 -3.66 7.63
N ALA B 3 31.69 -3.05 8.66
CA ALA B 3 30.49 -3.65 9.26
C ALA B 3 29.39 -3.73 8.19
N LYS B 5 25.78 -3.22 6.65
CA LYS B 5 24.76 -2.20 6.89
C LYS B 5 23.38 -2.70 6.56
N ILE B 6 22.50 -2.65 7.56
CA ILE B 6 21.19 -3.22 7.44
C ILE B 6 20.19 -2.14 7.75
N ILE B 7 19.20 -2.04 6.89
CA ILE B 7 18.08 -1.15 7.12
C ILE B 7 16.84 -2.01 7.42
N ILE B 8 16.18 -1.74 8.52
CA ILE B 8 14.98 -2.40 8.94
C ILE B 8 13.84 -1.41 8.84
N LEU B 9 12.85 -1.70 7.99
CA LEU B 9 11.67 -0.85 7.85
C LEU B 9 10.51 -1.39 8.72
N GLY B 10 10.21 -0.66 9.78
CA GLY B 10 9.16 -0.99 10.71
C GLY B 10 9.75 -1.27 12.08
N ALA B 11 9.27 -0.51 13.06
CA ALA B 11 9.74 -0.57 14.42
C ALA B 11 8.70 -1.31 15.26
N GLY B 12 8.02 -2.26 14.66
CA GLY B 12 7.05 -3.07 15.41
C GLY B 12 7.81 -4.12 16.19
N GLN B 13 7.11 -5.13 16.68
CA GLN B 13 7.79 -6.12 17.53
C GLN B 13 8.81 -6.93 16.76
N VAL B 14 8.49 -7.24 15.49
CA VAL B 14 9.44 -7.98 14.66
C VAL B 14 10.70 -7.16 14.32
N GLY B 15 10.49 -5.94 13.84
CA GLY B 15 11.62 -5.08 13.48
C GLY B 15 12.54 -4.78 14.64
N GLY B 16 11.95 -4.50 15.78
CA GLY B 16 12.70 -4.22 17.01
C GLY B 16 13.49 -5.41 17.57
N THR B 17 12.86 -6.58 17.53
CA THR B 17 13.52 -7.81 17.97
C THR B 17 14.63 -8.22 17.00
N LEU B 18 14.44 -8.00 15.71
CA LEU B 18 15.49 -8.27 14.77
C LEU B 18 16.69 -7.38 15.08
N ALA B 19 16.43 -6.08 15.27
CA ALA B 19 17.48 -5.17 15.59
C ALA B 19 18.21 -5.60 16.86
N GLU B 20 17.47 -6.04 17.86
CA GLU B 20 18.05 -6.53 19.10
C GLU B 20 19.03 -7.68 18.88
N ASN B 21 18.65 -8.63 18.04
CA ASN B 21 19.52 -9.77 17.76
C ASN B 21 20.66 -9.51 16.80
N LEU B 22 20.60 -8.42 16.05
CA LEU B 22 21.63 -8.16 15.05
C LEU B 22 22.70 -7.14 15.44
N VAL B 23 22.37 -6.21 16.32
CA VAL B 23 23.26 -5.08 16.55
C VAL B 23 24.57 -5.56 17.18
N GLY B 24 25.69 -4.95 16.79
CA GLY B 24 27.02 -5.26 17.32
C GLY B 24 28.10 -4.58 16.49
N GLU B 25 29.35 -4.78 16.85
CA GLU B 25 30.45 -4.20 16.07
C GLU B 25 30.45 -4.55 14.59
N ASN B 26 29.99 -5.74 14.21
CA ASN B 26 30.02 -6.17 12.79
C ASN B 26 28.70 -6.00 11.98
N ASN B 27 27.67 -5.47 12.62
CA ASN B 27 26.44 -5.19 11.90
C ASN B 27 25.86 -3.85 12.39
N ASP B 28 25.82 -2.84 11.49
CA ASP B 28 25.23 -1.49 11.73
C ASP B 28 23.77 -1.42 11.28
N ILE B 29 22.91 -0.92 12.17
CA ILE B 29 21.48 -1.06 12.00
C ILE B 29 20.86 0.31 11.91
N THR B 30 20.01 0.50 10.89
CA THR B 30 19.15 1.68 10.81
C THR B 30 17.69 1.22 10.75
N ILE B 31 16.87 1.78 11.60
CA ILE B 31 15.50 1.39 11.67
C ILE B 31 14.57 2.56 11.34
N VAL B 32 13.54 2.30 10.52
CA VAL B 32 12.72 3.40 9.98
C VAL B 32 11.27 3.21 10.43
N ASP B 33 10.63 4.27 10.94
CA ASP B 33 9.20 4.19 11.35
C ASP B 33 8.65 5.60 11.51
N LYS B 34 7.35 5.75 11.53
CA LYS B 34 6.73 7.03 11.80
C LYS B 34 6.42 7.25 13.28
N ASP B 35 6.58 6.22 14.10
CA ASP B 35 6.40 6.35 15.55
C ASP B 35 7.71 6.77 16.26
N GLY B 36 7.83 8.06 16.56
CA GLY B 36 9.05 8.62 17.12
C GLY B 36 9.29 8.19 18.54
N ASP B 37 8.22 7.95 19.27
CA ASP B 37 8.32 7.45 20.62
C ASP B 37 8.94 6.05 20.59
N ARG B 38 8.46 5.20 19.69
CA ARG B 38 9.04 3.88 19.53
C ARG B 38 10.53 3.92 19.11
N LEU B 39 10.85 4.75 18.13
CA LEU B 39 12.27 4.93 17.72
C LEU B 39 13.18 5.38 18.86
N ARG B 40 12.70 6.33 19.67
CA ARG B 40 13.46 6.80 20.83
C ARG B 40 13.74 5.67 21.82
N GLU B 41 12.74 4.85 22.11
CA GLU B 41 12.89 3.71 22.99
C GLU B 41 13.98 2.78 22.47
N LEU B 42 13.93 2.46 21.18
CA LEU B 42 14.91 1.54 20.60
C LEU B 42 16.30 2.12 20.64
N GLN B 43 16.42 3.41 20.35
CA GLN B 43 17.71 4.02 20.30
C GLN B 43 18.33 4.16 21.70
N ASP B 44 17.50 4.21 22.74
CA ASP B 44 17.97 4.14 24.13
C ASP B 44 18.52 2.76 24.46
N LYS B 45 17.74 1.72 24.14
CA LYS B 45 18.15 0.35 24.43
C LYS B 45 19.41 -0.04 23.67
N TYR B 46 19.46 0.23 22.36
CA TYR B 46 20.49 -0.33 21.48
C TYR B 46 21.27 0.73 20.74
N ASP B 47 22.45 0.33 20.29
CA ASP B 47 23.32 1.17 19.48
C ASP B 47 22.91 1.15 17.98
N LEU B 48 21.94 1.98 17.61
CA LEU B 48 21.49 2.00 16.23
C LEU B 48 21.02 3.37 15.83
N ARG B 49 20.87 3.55 14.52
CA ARG B 49 20.35 4.76 13.96
C ARG B 49 18.87 4.64 13.62
N VAL B 50 18.18 5.78 13.73
CA VAL B 50 16.73 5.84 13.47
C VAL B 50 16.44 6.90 12.41
N VAL B 51 15.41 6.65 11.60
CA VAL B 51 14.86 7.63 10.68
C VAL B 51 13.34 7.62 10.84
N ASN B 52 12.77 8.80 11.08
CA ASN B 52 11.34 9.00 11.18
C ASN B 52 10.75 9.39 9.84
N GLY B 53 9.99 8.50 9.23
CA GLY B 53 9.34 8.83 7.96
C GLY B 53 8.69 7.60 7.42
N HIS B 54 8.02 7.76 6.29
CA HIS B 54 7.31 6.64 5.62
C HIS B 54 8.28 5.80 4.84
N ALA B 55 8.27 4.52 5.19
CA ALA B 55 9.29 3.58 4.78
C ALA B 55 9.54 3.47 3.30
N SER B 56 8.51 3.66 2.47
CA SER B 56 8.75 3.53 1.02
C SER B 56 9.04 4.84 0.26
N HIS B 57 9.14 5.97 0.94
CA HIS B 57 9.48 7.27 0.28
C HIS B 57 10.94 7.34 -0.05
N PRO B 58 11.29 7.76 -1.27
CA PRO B 58 12.66 7.93 -1.69
C PRO B 58 13.55 8.73 -0.73
N ASP B 59 13.08 9.87 -0.23
CA ASP B 59 13.89 10.68 0.69
C ASP B 59 14.18 9.92 2.01
N VAL B 60 13.20 9.14 2.44
CA VAL B 60 13.32 8.38 3.68
C VAL B 60 14.31 7.24 3.49
N LEU B 61 14.17 6.49 2.40
CA LEU B 61 15.16 5.49 2.08
C LEU B 61 16.58 6.07 1.92
N HIS B 62 16.72 7.19 1.21
CA HIS B 62 17.98 7.88 1.05
C HIS B 62 18.59 8.21 2.39
N GLU B 63 17.81 8.80 3.29
CA GLU B 63 18.31 9.23 4.60
C GLU B 63 18.72 8.02 5.46
N ALA B 64 18.02 6.92 5.30
CA ALA B 64 18.34 5.66 5.96
C ALA B 64 19.58 4.97 5.40
N GLY B 65 20.14 5.45 4.30
CA GLY B 65 21.42 4.92 3.77
C GLY B 65 21.24 3.82 2.72
N ALA B 66 20.13 3.83 1.98
CA ALA B 66 19.85 2.75 1.01
C ALA B 66 20.93 2.57 -0.10
N GLN B 67 21.58 3.66 -0.47
CA GLN B 67 22.63 3.69 -1.48
C GLN B 67 23.80 2.87 -1.07
N ASP B 68 24.04 2.73 0.23
CA ASP B 68 25.22 1.98 0.68
C ASP B 68 24.86 0.76 1.52
N ALA B 69 23.56 0.56 1.79
CA ALA B 69 23.11 -0.61 2.58
C ALA B 69 23.36 -1.96 1.90
N ASP B 70 23.62 -2.99 2.73
CA ASP B 70 23.82 -4.36 2.25
C ASP B 70 22.54 -5.18 2.32
N LEU B 72 17.97 -4.86 3.13
CA LEU B 72 16.77 -4.12 3.44
C LEU B 72 15.72 -5.13 3.92
N VAL B 73 15.19 -4.89 5.12
CA VAL B 73 14.24 -5.79 5.71
C VAL B 73 12.94 -5.02 5.86
N ALA B 74 11.89 -5.44 5.13
CA ALA B 74 10.66 -4.73 5.12
C ALA B 74 9.60 -5.40 5.97
N VAL B 75 9.41 -4.88 7.17
CA VAL B 75 8.45 -5.38 8.15
C VAL B 75 7.57 -4.22 8.70
N THR B 76 6.92 -3.48 7.78
CA THR B 76 6.08 -2.35 8.11
C THR B 76 4.66 -2.86 8.40
N ASN B 77 3.71 -1.95 8.56
CA ASN B 77 2.32 -2.33 8.75
C ASN B 77 1.61 -3.05 7.61
N THR B 78 2.09 -2.89 6.39
CA THR B 78 1.27 -3.37 5.27
C THR B 78 2.15 -4.00 4.22
N ASP B 79 1.59 -5.01 3.59
CA ASP B 79 2.24 -5.70 2.49
C ASP B 79 2.60 -4.71 1.40
N GLU B 80 1.73 -3.75 1.13
CA GLU B 80 1.90 -2.85 -0.03
C GLU B 80 3.02 -1.83 0.24
N THR B 81 3.14 -1.34 1.48
CA THR B 81 4.30 -0.50 1.83
C THR B 81 5.59 -1.31 1.75
N ASN B 82 5.58 -2.55 2.23
CA ASN B 82 6.79 -3.44 2.09
C ASN B 82 7.26 -3.63 0.61
N ALA B 84 6.29 -1.75 -2.06
CA ALA B 84 6.75 -0.48 -2.56
C ALA B 84 8.19 -0.10 -2.15
N ALA B 85 8.52 -0.28 -0.88
CA ALA B 85 9.83 0.02 -0.39
C ALA B 85 10.94 -0.80 -1.07
N CYS B 86 10.71 -2.09 -1.29
CA CYS B 86 11.71 -2.94 -1.98
C CYS B 86 11.87 -2.46 -3.43
N GLN B 87 10.74 -2.13 -4.07
CA GLN B 87 10.77 -1.60 -5.40
C GLN B 87 11.53 -0.27 -5.50
N VAL B 88 11.18 0.69 -4.63
CA VAL B 88 11.78 2.02 -4.72
C VAL B 88 13.28 1.92 -4.39
N ALA B 89 13.62 1.09 -3.41
CA ALA B 89 15.02 0.97 -2.98
C ALA B 89 15.85 0.36 -4.12
N PHE B 90 15.29 -0.67 -4.73
CA PHE B 90 15.95 -1.32 -5.84
C PHE B 90 16.17 -0.32 -6.98
N THR B 91 15.08 0.30 -7.45
CA THR B 91 15.12 1.23 -8.60
C THR B 91 16.08 2.41 -8.42
N LEU B 92 16.00 3.08 -7.28
CA LEU B 92 16.71 4.31 -7.05
C LEU B 92 18.06 4.13 -6.39
N PHE B 93 18.27 3.03 -5.67
CA PHE B 93 19.49 2.88 -4.89
C PHE B 93 20.26 1.56 -5.15
N ASN B 94 19.70 0.71 -6.00
CA ASN B 94 20.21 -0.63 -6.20
C ASN B 94 20.53 -1.43 -4.92
N THR B 95 19.71 -1.25 -3.88
CA THR B 95 19.92 -1.93 -2.59
C THR B 95 19.80 -3.44 -2.74
N PRO B 96 20.82 -4.20 -2.35
CA PRO B 96 20.75 -5.66 -2.44
C PRO B 96 19.96 -6.32 -1.29
N ASN B 97 19.64 -7.59 -1.47
CA ASN B 97 19.07 -8.43 -0.42
C ASN B 97 17.82 -7.83 0.21
N ARG B 98 16.79 -7.70 -0.58
CA ARG B 98 15.55 -7.06 -0.18
C ARG B 98 14.63 -8.19 0.30
N ILE B 99 14.21 -8.12 1.55
CA ILE B 99 13.41 -9.17 2.18
C ILE B 99 12.11 -8.57 2.73
N ALA B 100 10.97 -9.21 2.48
CA ALA B 100 9.73 -8.64 2.94
C ALA B 100 8.82 -9.61 3.65
N ARG B 101 8.14 -9.13 4.70
CA ARG B 101 7.06 -9.92 5.30
C ARG B 101 5.87 -9.76 4.40
N ILE B 102 5.19 -10.87 4.05
CA ILE B 102 3.94 -10.80 3.27
C ILE B 102 2.90 -11.60 4.01
N ARG B 103 1.82 -10.96 4.40
CA ARG B 103 0.78 -11.60 5.19
C ARG B 103 -0.43 -12.03 4.38
N SER B 104 -0.64 -11.39 3.23
N SER B 104 -0.63 -11.39 3.24
CA SER B 104 -1.85 -11.65 2.48
CA SER B 104 -1.81 -11.69 2.45
C SER B 104 -1.67 -12.93 1.67
C SER B 104 -1.62 -13.00 1.69
N PRO B 105 -2.47 -13.99 1.97
CA PRO B 105 -2.38 -15.17 1.14
C PRO B 105 -2.68 -14.95 -0.38
N GLN B 106 -3.38 -13.87 -0.74
CA GLN B 106 -3.73 -13.62 -2.15
C GLN B 106 -2.43 -13.30 -2.99
N TYR B 107 -1.43 -12.66 -2.38
CA TYR B 107 -0.14 -12.49 -3.04
C TYR B 107 0.71 -13.77 -3.05
N LEU B 108 0.63 -14.52 -1.97
CA LEU B 108 1.37 -15.76 -1.85
C LEU B 108 0.88 -16.85 -2.80
N ALA B 109 -0.37 -16.78 -3.22
CA ALA B 109 -0.88 -17.66 -4.29
C ALA B 109 -0.21 -17.42 -5.67
N GLN B 110 0.50 -16.30 -5.85
CA GLN B 110 1.18 -15.99 -7.13
C GLN B 110 2.65 -15.64 -6.88
N LYS B 111 3.26 -16.43 -6.01
CA LYS B 111 4.65 -16.23 -5.62
C LYS B 111 5.57 -16.15 -6.79
N GLU B 112 5.49 -17.18 -7.62
CA GLU B 112 6.39 -17.30 -8.75
C GLU B 112 6.18 -16.17 -9.77
N ALA B 113 4.93 -15.93 -10.15
CA ALA B 113 4.62 -14.94 -11.17
C ALA B 113 4.94 -13.50 -10.76
N LEU B 114 4.77 -13.18 -9.48
CA LEU B 114 4.93 -11.84 -8.96
C LEU B 114 6.31 -11.56 -8.38
N PHE B 115 6.83 -12.51 -7.59
CA PHE B 115 8.01 -12.29 -6.80
C PHE B 115 9.24 -13.08 -7.22
N LYS B 116 9.16 -13.99 -8.15
CA LYS B 116 10.38 -14.59 -8.66
C LYS B 116 10.71 -14.10 -10.06
N SER B 117 9.75 -13.54 -10.77
CA SER B 117 9.93 -13.11 -12.18
C SER B 117 10.65 -11.75 -12.30
N GLY B 118 10.83 -11.08 -11.16
CA GLY B 118 11.29 -9.69 -11.13
C GLY B 118 10.23 -8.59 -11.22
N ALA B 119 8.97 -8.99 -11.32
CA ALA B 119 7.85 -8.03 -11.35
C ALA B 119 7.78 -7.20 -10.07
N ILE B 120 7.85 -7.88 -8.94
CA ILE B 120 8.01 -7.20 -7.65
C ILE B 120 9.30 -7.72 -7.05
N PRO B 121 10.31 -6.85 -6.96
CA PRO B 121 11.68 -7.33 -6.77
C PRO B 121 12.05 -7.53 -5.29
N VAL B 122 11.41 -8.55 -4.72
CA VAL B 122 11.72 -8.97 -3.36
C VAL B 122 12.59 -10.24 -3.47
N ASP B 123 13.76 -10.30 -2.83
CA ASP B 123 14.58 -11.52 -2.91
C ASP B 123 13.96 -12.66 -2.07
N HIS B 124 13.46 -12.35 -0.89
CA HIS B 124 12.86 -13.35 -0.02
C HIS B 124 11.57 -12.84 0.60
N LEU B 125 10.55 -13.67 0.60
CA LEU B 125 9.26 -13.38 1.23
C LEU B 125 9.21 -14.13 2.52
N ILE B 126 8.69 -13.52 3.56
CA ILE B 126 8.57 -14.19 4.85
C ILE B 126 7.08 -14.19 5.08
N ALA B 127 6.47 -15.36 5.11
CA ALA B 127 5.04 -15.45 5.22
C ALA B 127 4.67 -16.10 6.54
N PRO B 128 4.32 -15.27 7.52
CA PRO B 128 4.11 -15.76 8.87
C PRO B 128 3.04 -16.86 9.01
N GLU B 129 1.94 -16.73 8.32
CA GLU B 129 0.88 -17.72 8.47
C GLU B 129 1.26 -19.08 7.90
N GLU B 130 2.06 -19.11 6.82
CA GLU B 130 2.56 -20.38 6.24
C GLU B 130 3.58 -21.02 7.15
N LEU B 131 4.43 -20.18 7.75
CA LEU B 131 5.47 -20.69 8.65
C LEU B 131 4.85 -21.35 9.89
N VAL B 132 3.83 -20.72 10.45
CA VAL B 132 3.16 -21.27 11.62
C VAL B 132 2.40 -22.57 11.25
N THR B 133 1.67 -22.59 10.15
CA THR B 133 0.95 -23.79 9.78
C THR B 133 1.94 -24.97 9.57
N SER B 134 3.01 -24.72 8.83
CA SER B 134 4.02 -25.78 8.55
C SER B 134 4.67 -26.23 9.82
N TYR B 135 4.89 -25.29 10.73
CA TYR B 135 5.57 -25.65 12.00
C TYR B 135 4.68 -26.56 12.86
N ILE B 136 3.40 -26.22 12.98
CA ILE B 136 2.46 -27.07 13.70
C ILE B 136 2.41 -28.45 13.05
N GLU B 137 2.36 -28.51 11.71
CA GLU B 137 2.34 -29.79 11.06
C GLU B 137 3.59 -30.59 11.36
N ARG B 138 4.73 -29.91 11.43
CA ARG B 138 5.99 -30.55 11.74
C ARG B 138 5.96 -31.16 13.16
N LEU B 139 5.40 -30.45 14.11
CA LEU B 139 5.29 -31.02 15.45
C LEU B 139 4.41 -32.26 15.46
N ILE B 140 3.31 -32.19 14.73
CA ILE B 140 2.38 -33.30 14.68
C ILE B 140 3.03 -34.56 14.09
N GLN B 141 3.93 -34.41 13.10
CA GLN B 141 4.59 -35.59 12.56
C GLN B 141 5.64 -36.19 13.50
N TYR B 142 5.99 -35.52 14.60
CA TYR B 142 6.91 -36.09 15.57
C TYR B 142 6.24 -36.27 16.94
N PRO B 143 5.34 -37.23 17.05
CA PRO B 143 4.57 -37.34 18.31
C PRO B 143 5.44 -37.50 19.56
N GLY B 144 5.23 -36.63 20.55
CA GLY B 144 6.08 -36.60 21.75
C GLY B 144 6.99 -35.37 21.82
N ALA B 145 7.23 -34.72 20.68
CA ALA B 145 8.11 -33.57 20.57
C ALA B 145 7.34 -32.30 20.97
N LEU B 146 7.98 -31.44 21.75
CA LEU B 146 7.37 -30.14 22.11
C LEU B 146 7.88 -28.97 21.33
N GLN B 147 9.05 -29.12 20.72
CA GLN B 147 9.65 -28.08 19.90
C GLN B 147 10.67 -28.72 18.96
N VAL B 148 10.73 -28.22 17.74
CA VAL B 148 11.79 -28.56 16.78
C VAL B 148 12.53 -27.29 16.41
N VAL B 149 13.84 -27.28 16.68
CA VAL B 149 14.68 -26.11 16.46
C VAL B 149 15.32 -26.23 15.09
N SER B 150 15.18 -25.18 14.30
CA SER B 150 15.81 -25.09 13.00
C SER B 150 16.90 -24.03 12.97
N PHE B 151 17.85 -24.26 12.08
CA PHE B 151 18.99 -23.41 11.87
C PHE B 151 18.99 -22.93 10.39
N ALA B 152 19.86 -21.99 10.01
CA ALA B 152 20.03 -21.63 8.59
C ALA B 152 20.48 -22.92 7.87
N GLU B 153 21.41 -23.64 8.51
CA GLU B 153 21.88 -24.93 8.05
C GLU B 153 20.78 -25.98 8.30
N GLU B 154 20.05 -26.32 7.25
CA GLU B 154 18.84 -27.14 7.39
C GLU B 154 19.08 -28.56 7.86
N LYS B 155 20.28 -29.08 7.71
CA LYS B 155 20.54 -30.50 7.93
C LYS B 155 20.61 -30.91 9.40
N VAL B 156 20.56 -29.94 10.30
CA VAL B 156 20.64 -30.25 11.71
C VAL B 156 19.47 -29.60 12.41
N SER B 157 19.02 -30.25 13.47
CA SER B 157 17.89 -29.81 14.26
C SER B 157 18.14 -30.09 15.72
N LEU B 158 17.35 -29.47 16.59
CA LEU B 158 17.22 -29.93 17.94
C LEU B 158 15.78 -30.34 18.12
N VAL B 159 15.57 -31.32 18.97
CA VAL B 159 14.22 -31.72 19.36
C VAL B 159 14.11 -31.77 20.87
N ALA B 160 13.02 -31.22 21.36
CA ALA B 160 12.82 -31.17 22.78
C ALA B 160 11.67 -32.09 23.21
N VAL B 161 11.90 -32.74 24.34
CA VAL B 161 10.90 -33.56 25.02
C VAL B 161 10.88 -33.12 26.47
N LYS B 162 9.75 -33.31 27.13
CA LYS B 162 9.59 -32.92 28.52
C LYS B 162 9.79 -34.15 29.38
N ALA B 163 10.71 -34.08 30.35
CA ALA B 163 11.01 -35.24 31.20
C ALA B 163 9.84 -35.46 32.17
N TYR B 164 9.54 -36.71 32.51
CA TYR B 164 8.40 -37.00 33.41
C TYR B 164 8.69 -38.12 34.39
N TYR B 165 8.03 -38.04 35.55
N TYR B 165 8.04 -38.02 35.54
CA TYR B 165 8.09 -39.06 36.60
CA TYR B 165 8.09 -39.03 36.57
C TYR B 165 7.81 -40.43 35.98
C TYR B 165 7.81 -40.42 35.98
N GLY B 166 8.76 -41.34 36.12
CA GLY B 166 8.64 -42.69 35.56
C GLY B 166 9.20 -42.82 34.16
N GLY B 167 9.60 -41.73 33.54
CA GLY B 167 10.07 -41.77 32.16
C GLY B 167 11.51 -42.24 32.10
N PRO B 168 11.99 -42.58 30.90
CA PRO B 168 13.35 -43.10 30.73
C PRO B 168 14.49 -42.12 30.97
N LEU B 169 14.22 -40.82 31.03
CA LEU B 169 15.28 -39.82 31.16
C LEU B 169 15.55 -39.34 32.58
N VAL B 170 14.50 -39.24 33.40
CA VAL B 170 14.56 -38.56 34.70
C VAL B 170 15.53 -39.21 35.66
N GLY B 171 16.23 -38.39 36.42
CA GLY B 171 17.12 -38.89 37.48
C GLY B 171 18.48 -39.30 36.97
N ASN B 172 18.68 -39.37 35.66
CA ASN B 172 19.99 -39.70 35.08
C ASN B 172 20.90 -38.48 34.92
N ALA B 173 22.16 -38.67 35.23
CA ALA B 173 23.19 -37.68 34.91
C ALA B 173 23.42 -37.72 33.40
N LEU B 174 23.90 -36.61 32.82
CA LEU B 174 24.16 -36.58 31.37
C LEU B 174 25.34 -37.45 30.98
N SER B 175 26.36 -37.52 31.83
CA SER B 175 27.47 -38.43 31.56
C SER B 175 27.00 -39.89 31.51
N ALA B 176 26.20 -40.30 32.50
CA ALA B 176 25.58 -41.64 32.51
C ALA B 176 24.68 -41.88 31.29
N LEU B 177 23.88 -40.87 30.92
CA LEU B 177 23.04 -41.00 29.72
C LEU B 177 23.87 -41.50 28.55
N ARG B 178 25.04 -40.88 28.37
CA ARG B 178 25.90 -41.11 27.20
C ARG B 178 26.49 -42.54 27.22
N GLU B 179 26.69 -43.08 28.42
CA GLU B 179 27.21 -44.45 28.59
C GLU B 179 26.14 -45.54 28.50
N HIS B 180 24.89 -45.23 28.83
CA HIS B 180 23.78 -46.19 28.65
C HIS B 180 23.51 -46.43 27.18
N PRO B 182 25.60 -45.67 23.81
CA PRO B 182 26.63 -45.21 22.84
C PRO B 182 26.50 -45.84 21.43
N ILE B 184 23.56 -43.98 20.27
CA ILE B 184 22.73 -42.98 19.55
C ILE B 184 23.52 -41.82 18.97
N ASP B 185 23.10 -41.32 17.81
CA ASP B 185 23.69 -40.11 17.25
C ASP B 185 22.99 -38.86 17.82
N THR B 186 23.23 -38.60 19.11
CA THR B 186 22.67 -37.44 19.82
C THR B 186 23.41 -37.08 21.11
N ARG B 187 23.22 -35.86 21.57
CA ARG B 187 23.53 -35.48 22.94
C ARG B 187 22.62 -34.34 23.33
N VAL B 188 22.57 -34.04 24.62
CA VAL B 188 21.79 -32.92 25.11
C VAL B 188 22.48 -31.58 24.77
N ALA B 189 21.72 -30.72 24.11
CA ALA B 189 22.23 -29.45 23.66
C ALA B 189 21.83 -28.40 24.67
N ALA B 190 20.65 -28.57 25.26
CA ALA B 190 20.21 -27.60 26.27
C ALA B 190 19.11 -28.18 27.15
N ILE B 191 18.96 -27.61 28.31
CA ILE B 191 17.88 -27.95 29.22
C ILE B 191 17.31 -26.64 29.70
N PHE B 192 15.98 -26.55 29.80
CA PHE B 192 15.32 -25.48 30.54
C PHE B 192 14.56 -26.05 31.76
N ARG B 193 14.73 -25.39 32.89
CA ARG B 193 14.19 -25.87 34.17
C ARG B 193 13.59 -24.70 34.91
N GLN B 194 12.31 -24.80 35.24
CA GLN B 194 11.65 -23.74 36.02
C GLN B 194 11.94 -22.31 35.52
N GLY B 195 11.76 -22.11 34.22
CA GLY B 195 11.99 -20.78 33.63
C GLY B 195 13.46 -20.32 33.44
N ARG B 196 14.44 -21.22 33.63
CA ARG B 196 15.87 -20.91 33.49
C ARG B 196 16.58 -21.88 32.53
N PRO B 197 17.48 -21.35 31.66
CA PRO B 197 18.34 -22.24 30.87
C PRO B 197 19.37 -22.92 31.75
N ILE B 198 19.67 -24.19 31.46
CA ILE B 198 20.71 -24.94 32.18
C ILE B 198 21.73 -25.48 31.16
N ARG B 199 22.99 -25.09 31.37
CA ARG B 199 24.11 -25.50 30.54
C ARG B 199 24.30 -26.98 30.75
N PRO B 200 24.29 -27.77 29.66
CA PRO B 200 24.47 -29.21 29.86
C PRO B 200 25.89 -29.53 30.30
N GLN B 201 26.03 -30.19 31.45
CA GLN B 201 27.30 -30.76 31.93
C GLN B 201 27.16 -32.27 32.18
N GLY B 202 28.29 -32.96 32.34
CA GLY B 202 28.24 -34.38 32.72
C GLY B 202 27.52 -34.64 34.04
N THR B 203 27.71 -33.73 35.00
CA THR B 203 27.07 -33.76 36.32
C THR B 203 25.53 -33.39 36.37
N THR B 204 25.05 -32.75 35.31
CA THR B 204 23.64 -32.39 35.16
C THR B 204 22.72 -33.64 35.28
N ILE B 205 21.69 -33.53 36.11
CA ILE B 205 20.75 -34.62 36.35
C ILE B 205 19.37 -34.21 35.88
N ILE B 206 18.79 -34.96 34.94
CA ILE B 206 17.48 -34.60 34.42
C ILE B 206 16.39 -34.80 35.48
N GLU B 207 15.56 -33.79 35.70
CA GLU B 207 14.41 -33.86 36.60
C GLU B 207 13.06 -33.81 35.88
N ALA B 208 12.03 -34.25 36.58
CA ALA B 208 10.65 -34.08 36.15
C ALA B 208 10.43 -32.64 35.75
N ASP B 209 9.74 -32.46 34.63
CA ASP B 209 9.37 -31.16 34.05
C ASP B 209 10.46 -30.41 33.29
N ASP B 210 11.72 -30.87 33.35
CA ASP B 210 12.76 -30.35 32.46
C ASP B 210 12.32 -30.47 30.99
N GLU B 211 12.64 -29.44 30.19
CA GLU B 211 12.58 -29.53 28.74
C GLU B 211 14.01 -29.80 28.31
N VAL B 212 14.21 -30.91 27.65
CA VAL B 212 15.53 -31.38 27.33
C VAL B 212 15.60 -31.35 25.80
N PHE B 213 16.53 -30.56 25.28
CA PHE B 213 16.75 -30.44 23.84
C PHE B 213 17.85 -31.34 23.40
N PHE B 214 17.58 -32.17 22.41
CA PHE B 214 18.55 -33.11 21.86
C PHE B 214 18.96 -32.65 20.47
N VAL B 215 20.26 -32.75 20.18
CA VAL B 215 20.79 -32.49 18.84
C VAL B 215 20.48 -33.70 18.00
N ALA B 216 20.05 -33.51 16.76
CA ALA B 216 19.89 -34.63 15.84
C ALA B 216 19.97 -34.14 14.39
N ALA B 217 20.53 -34.96 13.50
CA ALA B 217 20.45 -34.69 12.10
C ALA B 217 18.97 -34.59 11.80
N SER B 218 18.58 -33.68 10.92
CA SER B 218 17.18 -33.47 10.58
C SER B 218 16.52 -34.70 9.94
N ASN B 219 17.29 -35.54 9.26
CA ASN B 219 16.75 -36.83 8.73
C ASN B 219 16.70 -37.99 9.78
N HIS B 220 17.11 -37.71 11.00
CA HIS B 220 17.27 -38.67 12.05
C HIS B 220 16.43 -38.43 13.31
N ILE B 221 15.47 -37.52 13.25
CA ILE B 221 14.72 -37.08 14.43
C ILE B 221 13.92 -38.24 15.04
N ARG B 222 13.19 -38.98 14.20
CA ARG B 222 12.39 -40.12 14.67
C ARG B 222 13.25 -41.20 15.32
N SER B 223 14.33 -41.55 14.65
CA SER B 223 15.30 -42.49 15.14
C SER B 223 15.81 -42.13 16.51
N VAL B 224 16.27 -40.89 16.68
CA VAL B 224 16.77 -40.46 18.00
C VAL B 224 15.66 -40.57 19.05
N SER B 226 13.06 -42.35 19.07
CA SER B 226 12.74 -43.73 19.29
C SER B 226 13.78 -44.43 20.19
N GLU B 227 15.08 -44.27 19.91
CA GLU B 227 16.14 -44.84 20.78
C GLU B 227 16.13 -44.20 22.15
N LEU B 228 15.66 -42.97 22.25
CA LEU B 228 15.47 -42.37 23.58
C LEU B 228 14.26 -42.92 24.30
N GLN B 229 13.48 -43.78 23.65
CA GLN B 229 12.19 -44.22 24.17
C GLN B 229 11.16 -43.06 24.33
N ARG B 230 11.30 -41.99 23.55
CA ARG B 230 10.42 -40.84 23.68
C ARG B 230 9.60 -40.54 22.41
N LEU B 231 9.60 -41.41 21.42
CA LEU B 231 8.70 -41.26 20.27
C LEU B 231 7.38 -41.91 20.66
N GLU B 232 6.30 -41.16 20.60
CA GLU B 232 4.98 -41.71 20.85
C GLU B 232 4.38 -42.31 19.58
N LYS B 233 3.32 -43.08 19.72
CA LYS B 233 2.52 -43.50 18.57
C LYS B 233 1.87 -42.32 17.86
N PRO B 234 1.55 -42.47 16.58
CA PRO B 234 0.94 -41.37 15.86
C PRO B 234 -0.30 -40.81 16.57
N TYR B 235 -0.49 -39.49 16.50
CA TYR B 235 -1.71 -38.86 16.99
C TYR B 235 -2.88 -39.37 16.14
N ARG B 236 -4.12 -39.27 16.65
CA ARG B 236 -5.29 -39.70 15.89
C ARG B 236 -6.39 -38.62 15.85
N ARG B 237 -6.74 -38.05 16.99
CA ARG B 237 -7.85 -37.11 17.08
C ARG B 237 -7.27 -35.74 17.34
N ILE B 238 -7.54 -34.84 16.41
CA ILE B 238 -7.10 -33.46 16.52
C ILE B 238 -8.33 -32.53 16.56
N ILE B 240 -9.30 -28.42 16.50
CA ILE B 240 -8.79 -27.11 16.20
C ILE B 240 -9.85 -26.11 16.59
N VAL B 241 -9.39 -25.04 17.22
CA VAL B 241 -10.23 -23.93 17.55
C VAL B 241 -9.76 -22.69 16.80
N GLY B 242 -10.59 -22.18 15.90
CA GLY B 242 -10.29 -21.00 15.14
C GLY B 242 -10.21 -21.38 13.66
N GLY B 243 -11.21 -20.95 12.89
CA GLY B 243 -11.28 -21.24 11.44
C GLY B 243 -10.74 -20.13 10.56
N GLY B 244 -9.78 -19.38 11.07
CA GLY B 244 -9.09 -18.37 10.29
C GLY B 244 -8.05 -19.01 9.39
N ASN B 245 -7.18 -18.20 8.82
CA ASN B 245 -6.26 -18.68 7.80
C ASN B 245 -5.44 -19.87 8.24
N ILE B 246 -4.80 -19.75 9.41
CA ILE B 246 -3.95 -20.81 9.93
C ILE B 246 -4.77 -22.07 10.21
N GLY B 247 -5.87 -21.94 10.93
CA GLY B 247 -6.66 -23.09 11.35
C GLY B 247 -7.28 -23.80 10.17
N ALA B 248 -7.82 -23.03 9.22
CA ALA B 248 -8.39 -23.64 8.04
C ALA B 248 -7.36 -24.35 7.19
N SER B 249 -6.16 -23.75 7.07
CA SER B 249 -5.14 -24.36 6.23
C SER B 249 -4.63 -25.63 6.91
N LEU B 250 -4.45 -25.58 8.24
CA LEU B 250 -4.06 -26.75 9.00
C LEU B 250 -5.09 -27.86 8.87
N ALA B 251 -6.36 -27.51 8.98
CA ALA B 251 -7.40 -28.54 8.87
C ALA B 251 -7.33 -29.27 7.54
N LYS B 252 -7.22 -28.51 6.45
CA LYS B 252 -7.08 -29.09 5.12
C LYS B 252 -5.92 -30.07 5.05
N ARG B 253 -4.80 -29.70 5.62
CA ARG B 253 -3.60 -30.52 5.53
C ARG B 253 -3.68 -31.74 6.41
N LEU B 254 -4.46 -31.68 7.50
CA LEU B 254 -4.53 -32.83 8.40
C LEU B 254 -5.67 -33.76 8.13
N GLU B 255 -6.73 -33.28 7.45
CA GLU B 255 -8.02 -33.98 7.54
C GLU B 255 -8.04 -35.38 6.91
N GLN B 256 -7.13 -35.66 6.00
CA GLN B 256 -7.14 -36.93 5.32
C GLN B 256 -6.51 -38.03 6.17
N THR B 257 -5.59 -37.67 7.05
CA THR B 257 -4.91 -38.70 7.85
C THR B 257 -5.28 -38.70 9.32
N TYR B 258 -5.84 -37.61 9.84
CA TYR B 258 -6.25 -37.59 11.23
C TYR B 258 -7.76 -37.36 11.26
N SER B 259 -8.43 -37.68 12.35
CA SER B 259 -9.82 -37.23 12.58
C SER B 259 -9.78 -35.84 13.10
N VAL B 260 -10.14 -34.88 12.26
CA VAL B 260 -10.08 -33.48 12.64
C VAL B 260 -11.48 -32.95 12.94
N LYS B 261 -11.59 -32.22 14.03
CA LYS B 261 -12.76 -31.38 14.28
C LYS B 261 -12.29 -29.96 14.44
N LEU B 262 -13.10 -29.02 13.97
CA LEU B 262 -12.79 -27.62 14.06
C LEU B 262 -13.98 -26.86 14.57
N ILE B 263 -13.71 -25.93 15.48
CA ILE B 263 -14.69 -25.05 16.06
C ILE B 263 -14.46 -23.59 15.66
N GLU B 264 -15.45 -23.00 15.01
CA GLU B 264 -15.42 -21.63 14.54
C GLU B 264 -16.58 -20.87 15.20
N ARG B 265 -16.28 -19.71 15.75
CA ARG B 265 -17.28 -18.94 16.46
C ARG B 265 -18.22 -18.18 15.52
N ASN B 266 -17.70 -17.71 14.39
CA ASN B 266 -18.54 -16.95 13.46
C ASN B 266 -19.36 -17.88 12.55
N LEU B 267 -20.67 -17.69 12.57
CA LEU B 267 -21.59 -18.61 11.89
C LEU B 267 -21.36 -18.71 10.39
N GLN B 268 -21.10 -17.56 9.77
CA GLN B 268 -20.91 -17.50 8.32
C GLN B 268 -19.62 -18.19 7.90
N ARG B 269 -18.53 -17.90 8.59
CA ARG B 269 -17.28 -18.62 8.41
C ARG B 269 -17.47 -20.15 8.55
N ALA B 270 -18.17 -20.56 9.61
CA ALA B 270 -18.36 -21.98 9.91
C ALA B 270 -19.03 -22.74 8.79
N GLU B 271 -19.99 -22.12 8.12
CA GLU B 271 -20.69 -22.77 7.02
C GLU B 271 -19.81 -22.90 5.80
N LYS B 272 -19.04 -21.85 5.52
CA LYS B 272 -18.11 -21.86 4.40
C LYS B 272 -17.09 -22.99 4.58
N LEU B 273 -16.57 -23.14 5.81
CA LEU B 273 -15.54 -24.13 6.09
C LEU B 273 -16.12 -25.54 6.05
N SER B 274 -17.36 -25.67 6.54
CA SER B 274 -18.09 -26.94 6.47
C SER B 274 -18.19 -27.42 5.02
N GLU B 275 -18.48 -26.48 4.13
CA GLU B 275 -18.55 -26.71 2.69
C GLU B 275 -17.19 -27.13 2.15
N GLU B 276 -16.19 -26.34 2.52
CA GLU B 276 -14.85 -26.44 1.94
C GLU B 276 -14.00 -27.58 2.48
N LEU B 277 -14.14 -27.90 3.78
CA LEU B 277 -13.35 -28.96 4.42
C LEU B 277 -14.13 -30.29 4.44
N GLU B 278 -14.01 -31.04 3.35
CA GLU B 278 -14.87 -32.22 3.11
C GLU B 278 -14.74 -33.34 4.14
N ASN B 279 -13.61 -33.44 4.82
CA ASN B 279 -13.41 -34.54 5.76
C ASN B 279 -13.17 -34.07 7.20
N THR B 280 -13.46 -32.81 7.48
CA THR B 280 -13.35 -32.23 8.81
C THR B 280 -14.76 -31.99 9.29
N ILE B 281 -15.05 -32.32 10.54
CA ILE B 281 -16.33 -31.95 11.15
C ILE B 281 -16.19 -30.56 11.78
N VAL B 282 -16.99 -29.62 11.28
CA VAL B 282 -16.94 -28.23 11.67
C VAL B 282 -18.10 -27.93 12.61
N PHE B 283 -17.84 -27.25 13.71
CA PHE B 283 -18.87 -26.83 14.63
C PHE B 283 -18.84 -25.32 14.63
N CYS B 284 -20.04 -24.73 14.69
CA CYS B 284 -20.17 -23.33 15.03
C CYS B 284 -20.41 -23.31 16.52
N GLY B 285 -19.48 -22.71 17.26
CA GLY B 285 -19.56 -22.72 18.72
C GLY B 285 -18.42 -21.92 19.33
N ASP B 286 -18.41 -21.81 20.65
CA ASP B 286 -17.37 -21.08 21.37
C ASP B 286 -16.23 -22.02 21.72
N ALA B 287 -15.04 -21.44 21.74
CA ALA B 287 -13.78 -22.15 21.96
C ALA B 287 -13.67 -22.80 23.34
N ALA B 288 -14.37 -22.24 24.33
CA ALA B 288 -14.21 -22.69 25.70
C ALA B 288 -15.56 -23.05 26.30
N ASP B 289 -16.36 -23.80 25.55
CA ASP B 289 -17.69 -24.23 25.97
C ASP B 289 -17.61 -25.65 26.46
N GLN B 290 -17.60 -25.80 27.78
CA GLN B 290 -17.60 -27.11 28.44
C GLN B 290 -18.58 -28.13 27.85
N GLU B 291 -19.82 -27.71 27.60
CA GLU B 291 -20.84 -28.65 27.14
C GLU B 291 -20.51 -29.18 25.76
N LEU B 292 -19.93 -28.34 24.90
CA LEU B 292 -19.57 -28.78 23.57
C LEU B 292 -18.38 -29.72 23.62
N LEU B 293 -17.38 -29.36 24.42
CA LEU B 293 -16.15 -30.16 24.54
C LEU B 293 -16.39 -31.57 25.07
N THR B 294 -17.30 -31.71 26.02
CA THR B 294 -17.68 -33.03 26.51
C THR B 294 -18.52 -33.79 25.44
N GLU B 295 -19.50 -33.12 24.81
CA GLU B 295 -20.21 -33.72 23.64
C GLU B 295 -19.28 -34.23 22.53
N GLU B 296 -18.14 -33.58 22.38
CA GLU B 296 -17.18 -33.95 21.33
C GLU B 296 -15.98 -34.71 21.86
N ASN B 297 -16.17 -35.37 23.00
CA ASN B 297 -15.18 -36.27 23.57
C ASN B 297 -13.80 -35.63 23.66
N ILE B 298 -13.73 -34.45 24.27
CA ILE B 298 -12.47 -33.74 24.51
C ILE B 298 -11.48 -34.65 25.24
N ASP B 299 -12.01 -35.43 26.17
CA ASP B 299 -11.26 -36.45 26.91
C ASP B 299 -10.46 -37.40 26.01
N GLN B 300 -10.82 -37.53 24.74
CA GLN B 300 -10.08 -38.41 23.81
C GLN B 300 -9.21 -37.69 22.80
N VAL B 301 -9.22 -36.37 22.82
CA VAL B 301 -8.41 -35.59 21.87
C VAL B 301 -6.94 -35.81 22.18
N ASP B 302 -6.13 -36.07 21.16
CA ASP B 302 -4.68 -36.18 21.33
C ASP B 302 -3.99 -34.81 21.31
N VAL B 303 -4.42 -33.92 20.38
CA VAL B 303 -3.90 -32.55 20.30
C VAL B 303 -5.06 -31.57 20.13
N PHE B 304 -5.17 -30.60 21.03
CA PHE B 304 -6.16 -29.50 20.94
C PHE B 304 -5.33 -28.29 20.55
N ILE B 305 -5.71 -27.65 19.46
CA ILE B 305 -4.93 -26.56 18.88
C ILE B 305 -5.79 -25.29 18.76
N ALA B 306 -5.45 -24.27 19.56
CA ALA B 306 -6.24 -23.03 19.65
C ALA B 306 -5.53 -21.94 18.86
N LEU B 307 -6.19 -21.53 17.77
CA LEU B 307 -5.57 -20.67 16.76
C LEU B 307 -6.41 -19.44 16.45
N THR B 308 -7.18 -18.96 17.43
CA THR B 308 -7.91 -17.71 17.22
C THR B 308 -6.98 -16.51 17.24
N ASN B 309 -7.57 -15.39 16.86
CA ASN B 309 -6.95 -14.08 16.81
C ASN B 309 -6.67 -13.48 18.19
N GLU B 310 -7.24 -14.11 19.23
CA GLU B 310 -7.14 -13.58 20.59
C GLU B 310 -6.34 -14.49 21.48
N ASP B 311 -5.18 -14.02 21.89
CA ASP B 311 -4.34 -14.76 22.78
C ASP B 311 -5.09 -15.29 23.98
N GLU B 312 -5.88 -14.43 24.63
CA GLU B 312 -6.59 -14.82 25.86
C GLU B 312 -7.52 -16.04 25.62
N THR B 313 -8.29 -16.00 24.56
CA THR B 313 -9.21 -17.09 24.18
C THR B 313 -8.44 -18.39 23.94
N ASN B 314 -7.28 -18.28 23.30
CA ASN B 314 -6.48 -19.43 23.02
C ASN B 314 -5.93 -20.04 24.31
N ILE B 315 -5.30 -19.23 25.14
CA ILE B 315 -4.76 -19.71 26.40
C ILE B 315 -5.86 -20.35 27.23
N SER B 317 -9.00 -21.43 26.50
CA SER B 317 -9.56 -22.67 25.94
C SER B 317 -8.60 -23.86 26.00
N ALA B 318 -7.30 -23.63 25.84
CA ALA B 318 -6.30 -24.70 25.93
C ALA B 318 -6.17 -25.18 27.38
N LEU B 320 -8.48 -25.01 29.70
CA LEU B 320 -9.67 -25.83 29.89
C LEU B 320 -9.54 -27.21 29.22
N ALA B 321 -9.12 -27.24 27.94
CA ALA B 321 -9.03 -28.50 27.23
C ALA B 321 -8.12 -29.49 27.94
N LYS B 322 -6.98 -29.00 28.41
CA LYS B 322 -6.03 -29.76 29.20
C LYS B 322 -6.68 -30.28 30.50
N ARG B 323 -7.34 -29.42 31.26
CA ARG B 323 -8.01 -29.84 32.48
C ARG B 323 -9.04 -30.94 32.19
N GLY B 325 -8.84 -33.26 29.90
CA GLY B 325 -8.20 -34.51 29.49
C GLY B 325 -7.66 -34.61 28.06
N ALA B 326 -7.56 -33.51 27.32
CA ALA B 326 -6.85 -33.54 26.06
C ALA B 326 -5.39 -33.78 26.38
N LYS B 327 -4.76 -34.71 25.65
CA LYS B 327 -3.43 -35.20 26.02
C LYS B 327 -2.39 -34.09 25.84
N LYS B 328 -2.46 -33.35 24.74
CA LYS B 328 -1.62 -32.18 24.50
C LYS B 328 -2.40 -30.97 23.98
N VAL B 329 -1.97 -29.76 24.34
CA VAL B 329 -2.59 -28.55 23.82
C VAL B 329 -1.54 -27.65 23.26
N VAL B 331 -1.06 -23.55 21.50
CA VAL B 331 -1.75 -22.25 21.36
C VAL B 331 -0.96 -21.25 20.52
N LEU B 332 -1.69 -20.48 19.73
CA LEU B 332 -1.18 -19.34 19.00
C LEU B 332 -1.18 -18.13 19.94
N ILE B 333 -0.03 -17.47 20.01
CA ILE B 333 0.17 -16.28 20.81
C ILE B 333 0.85 -15.21 19.93
N GLN B 334 0.59 -13.93 20.12
CA GLN B 334 1.20 -12.96 19.19
C GLN B 334 2.74 -12.78 19.37
N ARG B 335 3.22 -12.56 20.59
CA ARG B 335 4.66 -12.32 20.87
C ARG B 335 5.51 -13.47 21.38
N GLY B 336 6.78 -13.47 21.02
CA GLY B 336 7.72 -14.53 21.49
C GLY B 336 8.20 -14.42 22.92
N ALA B 337 8.10 -13.20 23.45
CA ALA B 337 8.34 -12.97 24.88
C ALA B 337 7.29 -13.74 25.68
N TYR B 338 6.07 -13.79 25.15
CA TYR B 338 4.98 -14.50 25.78
C TYR B 338 5.10 -16.00 25.57
N VAL B 339 5.59 -16.44 24.40
CA VAL B 339 5.83 -17.87 24.15
C VAL B 339 6.64 -18.54 25.27
N ASP B 340 7.70 -17.88 25.74
CA ASP B 340 8.43 -18.30 26.95
C ASP B 340 7.53 -18.44 28.18
N LEU B 341 6.58 -17.53 28.32
CA LEU B 341 5.82 -17.45 29.57
C LEU B 341 4.71 -18.48 29.62
N VAL B 342 4.15 -18.78 28.45
CA VAL B 342 2.94 -19.58 28.34
C VAL B 342 3.26 -21.07 28.31
N GLN B 343 4.31 -21.45 27.59
CA GLN B 343 4.52 -22.87 27.36
C GLN B 343 5.30 -23.47 28.47
N GLY B 344 5.12 -24.79 28.61
CA GLY B 344 6.02 -25.62 29.40
C GLY B 344 5.38 -26.19 30.63
N GLY B 345 4.06 -26.23 30.66
CA GLY B 345 3.34 -26.68 31.86
C GLY B 345 2.02 -27.25 31.42
N VAL B 346 0.91 -26.74 31.94
CA VAL B 346 -0.38 -27.03 31.32
C VAL B 346 -0.38 -26.84 29.78
N ILE B 347 0.35 -25.85 29.25
CA ILE B 347 0.29 -25.59 27.82
C ILE B 347 1.52 -26.20 27.19
N ASP B 348 1.36 -27.27 26.43
CA ASP B 348 2.53 -27.99 25.90
C ASP B 348 3.37 -27.16 24.90
N VAL B 349 2.68 -26.49 23.99
CA VAL B 349 3.32 -25.76 22.89
C VAL B 349 2.69 -24.38 22.72
N ALA B 350 3.51 -23.33 22.61
CA ALA B 350 3.06 -22.01 22.26
C ALA B 350 3.89 -21.54 21.07
N ILE B 351 3.20 -21.00 20.08
CA ILE B 351 3.82 -20.59 18.80
C ILE B 351 3.40 -19.17 18.48
N SER B 352 4.37 -18.34 18.04
CA SER B 352 4.07 -16.96 17.68
C SER B 352 4.37 -16.71 16.18
N PRO B 353 3.42 -16.11 15.44
CA PRO B 353 3.74 -15.78 14.08
C PRO B 353 4.93 -14.81 14.03
N GLN B 354 5.01 -13.92 15.03
CA GLN B 354 6.08 -12.91 15.08
C GLN B 354 7.42 -13.65 15.28
N GLN B 355 7.43 -14.61 16.18
CA GLN B 355 8.63 -15.38 16.47
C GLN B 355 9.06 -16.16 15.26
N ALA B 356 8.11 -16.77 14.57
CA ALA B 356 8.43 -17.50 13.37
C ALA B 356 9.02 -16.57 12.24
N THR B 357 8.50 -15.37 12.12
CA THR B 357 8.99 -14.41 11.15
C THR B 357 10.47 -14.04 11.44
N ILE B 358 10.78 -13.75 12.70
CA ILE B 358 12.12 -13.43 13.16
C ILE B 358 13.10 -14.61 12.87
N SER B 359 12.67 -15.86 13.14
CA SER B 359 13.50 -17.01 12.81
C SER B 359 13.84 -17.06 11.36
N ALA B 360 12.84 -16.88 10.50
CA ALA B 360 13.06 -16.90 9.06
C ALA B 360 13.98 -15.80 8.62
N LEU B 361 13.73 -14.59 9.12
CA LEU B 361 14.64 -13.47 8.82
C LEU B 361 16.08 -13.78 9.22
N LEU B 362 16.26 -14.37 10.37
CA LEU B 362 17.64 -14.70 10.84
C LEU B 362 18.30 -15.83 10.02
N THR B 363 17.53 -16.59 9.26
CA THR B 363 18.15 -17.52 8.31
C THR B 363 18.80 -16.78 7.14
N HIS B 364 18.43 -15.52 6.91
CA HIS B 364 18.93 -14.80 5.72
C HIS B 364 19.99 -13.78 6.02
N VAL B 365 20.35 -13.64 7.27
CA VAL B 365 21.32 -12.59 7.63
C VAL B 365 22.27 -13.15 8.72
N ARG B 366 23.56 -13.01 8.49
CA ARG B 366 24.54 -13.54 9.41
C ARG B 366 25.15 -12.42 10.21
N ARG B 367 25.53 -12.72 11.44
CA ARG B 367 26.30 -11.74 12.20
C ARG B 367 27.75 -11.97 11.89
N ALA B 368 28.42 -10.91 11.45
CA ALA B 368 29.83 -10.94 11.08
C ALA B 368 30.15 -11.90 9.92
N ASP B 369 29.15 -12.21 9.11
CA ASP B 369 29.19 -13.30 8.11
C ASP B 369 29.49 -14.67 8.71
N ILE B 370 29.35 -14.81 10.02
CA ILE B 370 29.73 -16.07 10.69
C ILE B 370 28.55 -16.79 11.34
N VAL B 371 27.77 -16.05 12.12
CA VAL B 371 26.81 -16.64 13.02
C VAL B 371 25.38 -16.51 12.48
N ASN B 372 24.67 -17.62 12.46
CA ASN B 372 23.21 -17.58 12.26
C ASN B 372 22.57 -17.95 13.58
N VAL B 373 21.60 -17.15 13.97
CA VAL B 373 20.88 -17.43 15.18
C VAL B 373 19.71 -18.35 14.84
N SER B 374 19.53 -19.40 15.65
CA SER B 374 18.51 -20.42 15.36
C SER B 374 17.10 -20.01 15.79
N SER B 375 16.13 -20.92 15.60
CA SER B 375 14.77 -20.71 16.11
C SER B 375 14.58 -20.88 17.61
N LEU B 376 15.59 -21.34 18.35
CA LEU B 376 15.53 -21.39 19.83
C LEU B 376 16.13 -20.09 20.41
N ARG B 377 15.25 -19.22 20.89
CA ARG B 377 15.61 -17.94 21.54
C ARG B 377 14.68 -17.76 22.69
N ARG B 378 15.17 -17.89 23.92
CA ARG B 378 14.31 -17.81 25.10
C ARG B 378 15.00 -16.95 26.12
N GLY B 379 14.39 -15.82 26.47
CA GLY B 379 15.03 -14.75 27.26
C GLY B 379 16.40 -14.50 26.68
N ALA B 380 17.45 -14.75 27.46
CA ALA B 380 18.84 -14.44 27.07
C ALA B 380 19.52 -15.58 26.32
N ALA B 381 18.95 -16.78 26.41
CA ALA B 381 19.57 -17.97 25.89
C ALA B 381 19.15 -18.19 24.45
N GLU B 382 20.05 -18.77 23.69
CA GLU B 382 19.73 -19.20 22.34
C GLU B 382 20.74 -20.16 21.77
N ALA B 383 20.28 -20.96 20.81
CA ALA B 383 21.16 -21.76 20.03
C ALA B 383 21.53 -21.00 18.73
N ILE B 384 22.75 -21.20 18.27
CA ILE B 384 23.32 -20.56 17.10
C ILE B 384 24.08 -21.63 16.31
N GLU B 385 24.42 -21.30 15.08
CA GLU B 385 25.46 -22.04 14.35
C GLU B 385 26.48 -21.05 13.84
N ALA B 386 27.76 -21.44 13.85
CA ALA B 386 28.81 -20.60 13.30
C ALA B 386 29.63 -21.30 12.23
N VAL B 387 29.92 -20.61 11.12
CA VAL B 387 30.76 -21.15 10.07
C VAL B 387 32.23 -20.82 10.33
N ALA B 388 33.08 -21.83 10.21
CA ALA B 388 34.52 -21.74 10.44
C ALA B 388 35.21 -21.53 9.09
N HIS B 389 35.42 -20.27 8.73
CA HIS B 389 36.06 -19.95 7.45
C HIS B 389 37.55 -20.03 7.56
N GLY B 390 38.22 -20.39 6.46
CA GLY B 390 39.68 -20.39 6.34
C GLY B 390 40.38 -21.70 6.71
N ASP B 391 41.58 -21.91 6.21
CA ASP B 391 42.34 -23.09 6.63
C ASP B 391 42.95 -22.88 8.02
N GLU B 392 43.63 -23.89 8.54
CA GLU B 392 44.16 -23.84 9.91
C GLU B 392 45.08 -22.64 10.22
N SER B 393 45.86 -22.22 9.21
CA SER B 393 46.75 -21.07 9.33
C SER B 393 46.01 -19.74 9.22
N ASN B 394 44.76 -19.77 8.79
CA ASN B 394 43.92 -18.56 8.71
C ASN B 394 42.80 -18.52 9.74
N SER B 395 42.82 -19.44 10.70
CA SER B 395 41.75 -19.59 11.67
C SER B 395 42.29 -19.87 13.06
N LYS B 396 41.48 -19.56 14.06
CA LYS B 396 41.73 -19.98 15.44
C LYS B 396 41.09 -21.32 15.85
N VAL B 397 40.16 -21.82 15.03
CA VAL B 397 39.37 -23.01 15.39
C VAL B 397 39.55 -24.16 14.41
N VAL B 398 39.72 -23.86 13.12
CA VAL B 398 39.99 -24.91 12.15
C VAL B 398 41.23 -25.69 12.54
N GLY B 399 41.11 -27.01 12.48
CA GLY B 399 42.21 -27.89 12.83
C GLY B 399 42.39 -28.07 14.33
N ARG B 400 41.58 -27.41 15.16
CA ARG B 400 41.58 -27.68 16.59
C ARG B 400 40.49 -28.67 17.03
N ALA B 401 40.78 -29.40 18.10
CA ALA B 401 39.81 -30.31 18.73
C ALA B 401 38.86 -29.54 19.64
N VAL B 402 37.62 -30.01 19.71
CA VAL B 402 36.58 -29.29 20.42
C VAL B 402 36.98 -29.09 21.88
N GLY B 403 37.59 -30.12 22.46
CA GLY B 403 38.06 -30.10 23.84
C GLY B 403 39.14 -29.09 24.18
N ASP B 404 39.86 -28.62 23.17
CA ASP B 404 40.89 -27.58 23.36
C ASP B 404 40.40 -26.15 23.08
N ILE B 405 39.23 -26.00 22.47
CA ILE B 405 38.73 -24.69 22.11
C ILE B 405 38.21 -24.06 23.39
N LYS B 406 38.67 -22.84 23.68
CA LYS B 406 38.18 -22.10 24.83
C LYS B 406 36.99 -21.30 24.33
N LEU B 407 35.83 -21.61 24.89
CA LEU B 407 34.57 -20.95 24.55
C LEU B 407 34.18 -19.94 25.60
N PRO B 408 33.29 -19.01 25.23
CA PRO B 408 32.81 -18.08 26.26
C PRO B 408 32.01 -18.79 27.36
N PRO B 409 31.75 -18.10 28.45
CA PRO B 409 30.96 -18.76 29.49
C PRO B 409 29.59 -19.20 28.99
N GLY B 410 29.05 -20.24 29.60
CA GLY B 410 27.69 -20.65 29.31
C GLY B 410 27.48 -21.16 27.90
N THR B 411 28.59 -21.46 27.20
CA THR B 411 28.56 -21.85 25.79
C THR B 411 29.02 -23.29 25.59
N THR B 412 28.28 -24.07 24.81
CA THR B 412 28.70 -25.44 24.48
C THR B 412 28.52 -25.72 23.01
N ILE B 413 29.44 -26.51 22.46
CA ILE B 413 29.30 -27.05 21.13
C ILE B 413 28.55 -28.40 21.17
N GLY B 414 27.43 -28.50 20.45
CA GLY B 414 26.60 -29.71 20.43
C GLY B 414 26.84 -30.63 19.25
N ALA B 415 27.23 -30.04 18.12
CA ALA B 415 27.36 -30.80 16.87
C ALA B 415 28.02 -29.96 15.79
N ILE B 416 28.37 -30.62 14.70
CA ILE B 416 29.04 -29.97 13.57
C ILE B 416 28.37 -30.48 12.31
N VAL B 417 28.12 -29.59 11.37
CA VAL B 417 27.73 -29.99 10.01
C VAL B 417 28.89 -29.77 9.09
N ARG B 418 29.33 -30.86 8.46
CA ARG B 418 30.49 -30.90 7.58
C ARG B 418 29.93 -31.36 6.24
N GLY B 419 29.75 -30.38 5.35
CA GLY B 419 29.03 -30.61 4.09
C GLY B 419 27.62 -31.17 4.33
N GLU B 420 27.48 -32.47 4.07
CA GLU B 420 26.23 -33.21 4.23
C GLU B 420 26.09 -33.93 5.56
N GLU B 421 27.22 -34.22 6.19
CA GLU B 421 27.25 -35.03 7.38
C GLU B 421 26.95 -34.23 8.64
N VAL B 422 26.19 -34.83 9.55
CA VAL B 422 26.00 -34.25 10.86
C VAL B 422 26.83 -35.04 11.88
N LEU B 423 27.77 -34.38 12.55
CA LEU B 423 28.60 -35.04 13.53
C LEU B 423 28.20 -34.56 14.92
N ILE B 424 27.87 -35.48 15.80
CA ILE B 424 27.70 -35.12 17.19
C ILE B 424 29.09 -34.74 17.72
N ALA B 425 29.19 -33.66 18.48
CA ALA B 425 30.49 -33.18 18.92
C ALA B 425 30.98 -34.04 20.07
N HIS B 426 32.27 -34.39 20.05
CA HIS B 426 32.99 -34.93 21.20
C HIS B 426 34.21 -34.11 21.41
N ASP B 427 34.83 -34.23 22.58
CA ASP B 427 36.04 -33.45 22.88
C ASP B 427 37.16 -33.63 21.85
N ARG B 428 37.25 -34.83 21.27
CA ARG B 428 38.31 -35.09 20.31
C ARG B 428 37.96 -34.70 18.88
N THR B 429 36.74 -34.20 18.66
CA THR B 429 36.32 -33.83 17.30
C THR B 429 37.15 -32.65 16.79
N VAL B 430 37.70 -32.76 15.59
CA VAL B 430 38.54 -31.70 15.07
C VAL B 430 37.77 -30.88 14.08
N ILE B 431 37.78 -29.57 14.26
CA ILE B 431 37.04 -28.68 13.37
C ILE B 431 37.75 -28.58 12.01
N GLU B 432 36.96 -28.55 10.94
CA GLU B 432 37.47 -28.49 9.58
C GLU B 432 36.95 -27.30 8.83
N GLN B 433 37.74 -26.83 7.87
CA GLN B 433 37.39 -25.63 7.09
C GLN B 433 35.96 -25.74 6.54
N ASP B 434 35.22 -24.66 6.72
CA ASP B 434 33.79 -24.51 6.33
C ASP B 434 32.80 -25.40 7.06
N ASP B 435 33.20 -26.03 8.18
CA ASP B 435 32.25 -26.61 9.13
C ASP B 435 31.29 -25.52 9.64
N HIS B 436 30.06 -25.95 9.91
CA HIS B 436 29.08 -25.17 10.68
C HIS B 436 28.99 -25.74 12.06
N VAL B 437 29.31 -24.94 13.06
CA VAL B 437 29.34 -25.44 14.43
C VAL B 437 28.10 -24.94 15.21
N VAL B 438 27.36 -25.90 15.77
CA VAL B 438 26.15 -25.63 16.49
C VAL B 438 26.49 -25.53 17.94
N PHE B 440 25.02 -23.87 21.95
CA PHE B 440 23.98 -23.35 22.82
C PHE B 440 24.67 -22.36 23.76
N LEU B 441 24.10 -21.17 23.88
CA LEU B 441 24.53 -20.19 24.87
C LEU B 441 23.43 -19.87 25.86
N VAL B 442 23.83 -19.93 27.14
CA VAL B 442 22.95 -19.58 28.22
C VAL B 442 22.66 -18.06 28.17
N ASP B 443 23.62 -17.28 27.72
CA ASP B 443 23.45 -15.84 27.61
C ASP B 443 24.02 -15.32 26.33
N LYS B 444 23.12 -14.80 25.48
CA LYS B 444 23.49 -14.34 24.16
C LYS B 444 24.43 -13.14 24.16
N LYS B 445 24.64 -12.47 25.29
CA LYS B 445 25.66 -11.42 25.28
C LYS B 445 27.05 -11.92 24.89
N TYR B 446 27.27 -13.23 24.88
CA TYR B 446 28.59 -13.77 24.48
C TYR B 446 28.68 -14.13 23.02
N VAL B 447 27.61 -13.89 22.23
CA VAL B 447 27.66 -14.06 20.77
C VAL B 447 28.81 -13.26 20.12
N PRO B 448 28.99 -11.99 20.51
CA PRO B 448 30.17 -11.34 19.92
C PRO B 448 31.45 -12.08 20.20
N ASP B 449 31.53 -12.79 21.31
CA ASP B 449 32.77 -13.53 21.57
C ASP B 449 32.94 -14.76 20.67
N VAL B 450 31.82 -15.40 20.31
CA VAL B 450 31.85 -16.47 19.30
C VAL B 450 32.33 -15.94 17.95
N GLU B 451 31.81 -14.81 17.50
CA GLU B 451 32.19 -14.24 16.22
C GLU B 451 33.70 -14.04 16.20
N ALA B 452 34.20 -13.33 17.21
CA ALA B 452 35.65 -13.05 17.33
C ALA B 452 36.52 -14.33 17.29
N LEU B 453 36.09 -15.34 18.02
CA LEU B 453 36.78 -16.61 18.02
C LEU B 453 36.87 -17.28 16.62
N PHE B 454 35.78 -17.22 15.86
CA PHE B 454 35.66 -17.87 14.54
C PHE B 454 36.17 -17.05 13.35
N GLN B 455 36.44 -15.79 13.60
CA GLN B 455 36.94 -14.82 12.63
C GLN B 455 38.18 -15.40 11.94
N PRO B 456 38.22 -15.41 10.60
CA PRO B 456 39.46 -15.84 9.94
C PRO B 456 40.45 -14.70 9.84
N SER B 457 41.71 -15.01 9.54
CA SER B 457 42.76 -14.01 9.42
C SER B 457 42.46 -12.89 8.44
N PRO B 458 42.10 -13.22 7.18
CA PRO B 458 41.88 -12.11 6.21
C PRO B 458 41.00 -10.96 6.82
N PHE B 459 40.03 -11.30 7.68
CA PHE B 459 39.23 -10.29 8.46
C PHE B 459 40.07 -9.23 9.17
N PHE B 460 41.27 -9.62 9.65
CA PHE B 460 42.16 -8.75 10.43
C PHE B 460 43.14 -7.98 9.56
#